data_5A3Q
#
_entry.id   5A3Q
#
_cell.length_a   86.427
_cell.length_b   118.781
_cell.length_c   141.828
_cell.angle_alpha   90.00
_cell.angle_beta   90.00
_cell.angle_gamma   90.00
#
_symmetry.space_group_name_H-M   'P 21 21 2'
#
loop_
_entity.id
_entity.type
_entity.pdbx_description
1 polymer 'SARCOPLASMIC/ENDOPLASMIC RETICULUM CALCIUM ATPASE 1'
2 non-polymer 'OCTANOIC ACID [3S-[3ALPHA, 3ABETA, 4ALPHA, 6BETA, 6ABETA, 7BETA, 8ALPHA(Z), 9BALPHA]]-6-(ACETYLOXY)-2,3,-3A,4,5,6,6A,7,8,9B-DECAHYDRO-3,3A-DIHYDROXY-3,6,9-TRIMETHYL-8-[(2-METHYL-1-OXO-2-BUTENYL)OX Y]-2-OXO-4-(1-OXOBUTOXY)-AZULENO[4,5-B]FURAN-7-YL ESTER'
3 non-polymer oxido(dioxo)vanadium
4 non-polymer "Spiro(2,4,6-trinitrobenzene[1,2a]-O2',O3'-methylene-adenosine (beta,gamma-methylene)triphosphate"
5 non-polymer 'MAGNESIUM ION'
6 non-polymer 'POTASSIUM ION'
7 non-polymer 'CHLORIDE ION'
8 water water
#
_entity_poly.entity_id   1
_entity_poly.type   'polypeptide(L)'
_entity_poly.pdbx_seq_one_letter_code
;(ACE)MEAAHSKSTEECLAYFGVSETTGLTPDQVKRHLEKYGHNELPAEEGKSLWELVIEQFEDLLVRILLLAACISFVL
AWFEEGEETITAFVEPFVILLILIANAIVGVWQERNAENAIEALKEYEPEMGKVYRADRKSVQRIKARDIVPGDIVEVAV
GDKVPADIRILSIKSTTLRVDQSILTGESVSVIKHTEPVPDPRAVNQDKKNMLFSGTNIAAGKALGIVATTGVSTEIGKI
RDQMAATEQDKTPLQQKLDEFGEQLSKVISLICVAVWLINIGHFNDPVHGGSWIRGAIYYFKIAVALAVAAIPEGLPAVI
TTCLALGTRRMAKKNAIVRSLPSVETLGCTSVICSDKTGTLTTNQMSVCKMFIIDKVDGDFCSLNEFSITGSTYAPEGEV
LKNDKPIRSGQFDGLVELATICALCNDSSLDFNETKGVYEKVGEATETALTTLVEKMNVFNTEVRNLSKVERANACNSVI
RQLMKKEFTLEFSRDRKSMSVYCSPAKSSRAAVGNKMFVKGAPEGVIDRCNYVRVGTTRVPMTGPVKEKILSVIKEWGTG
RDTLRCLALATRDTPPKREEMVLDDSSRFMEYETDLTFVGVVGMLDPPRKEVMGSIQLCRDAGIRVIMITGDNKGTAIAI
CRRIGIFGENEEVADRAYTGREFDDLPLAEQREACRRACCFARVEPSHKSKIVEYLQSYDEITAMTGDGVNDAPALKKAE
IGIAMGSGTAVAKTASEMVLADDNFSTIVAAVEEGRAIYNNMKQFIRYLISSNVGEVVCIFLTAALGLPEALIPVQLLWV
NLVTDGLPATALGFNPPDLDIMDRPPRSPKEPLISGWLFFRYMAIGGYVGAATVGAAAWWFMYAEDGPGVTYHQLTHFMQ
CTEDHPHFEGLDCEIFEAPEPMTMALSVLVTIEMCNALNSLSENQSLMRMPPWVNIWLLGSICLSMSLHFLILYVDPLPM
IFKLKALDLTQWLMVLKISLPVIGLDEILKFIARNYLEG
;
_entity_poly.pdbx_strand_id   A
#
# COMPACT_ATOMS: atom_id res chain seq x y z
N MET A 2 9.61 -32.67 5.90
CA MET A 2 11.02 -32.67 6.25
C MET A 2 11.62 -31.28 6.05
N GLU A 3 11.57 -30.45 7.09
CA GLU A 3 11.97 -29.04 6.93
C GLU A 3 13.43 -28.93 6.52
N ALA A 4 14.34 -29.52 7.31
CA ALA A 4 15.76 -29.28 7.12
C ALA A 4 16.30 -30.12 5.97
N ALA A 5 15.45 -30.43 5.00
CA ALA A 5 15.87 -31.28 3.88
C ALA A 5 17.03 -30.64 3.13
N HIS A 6 16.91 -29.35 2.79
CA HIS A 6 17.95 -28.63 2.06
C HIS A 6 19.36 -28.84 2.65
N SER A 7 19.47 -29.14 3.93
CA SER A 7 20.78 -29.30 4.55
C SER A 7 21.22 -30.75 4.60
N LYS A 8 20.37 -31.68 4.17
CA LYS A 8 20.69 -33.10 4.21
C LYS A 8 20.93 -33.63 2.80
N SER A 9 21.56 -34.79 2.73
CA SER A 9 21.87 -35.39 1.46
C SER A 9 20.64 -36.05 0.84
N THR A 10 20.72 -36.30 -0.47
CA THR A 10 19.62 -36.96 -1.16
C THR A 10 19.33 -38.32 -0.56
N GLU A 11 20.37 -39.10 -0.26
CA GLU A 11 20.15 -40.37 0.40
C GLU A 11 19.48 -40.17 1.75
N GLU A 12 20.00 -39.23 2.54
CA GLU A 12 19.41 -38.92 3.83
C GLU A 12 17.93 -38.53 3.67
N CYS A 13 17.64 -37.66 2.71
CA CYS A 13 16.25 -37.26 2.49
C CYS A 13 15.38 -38.44 2.07
N LEU A 14 15.96 -39.38 1.32
CA LEU A 14 15.23 -40.59 0.93
C LEU A 14 15.01 -41.50 2.13
N ALA A 15 16.01 -41.60 3.01
CA ALA A 15 15.86 -42.44 4.19
C ALA A 15 14.80 -41.86 5.13
N TYR A 16 14.69 -40.54 5.20
CA TYR A 16 13.75 -39.89 6.11
C TYR A 16 12.33 -40.40 5.92
N PHE A 17 11.92 -40.55 4.67
CA PHE A 17 10.60 -41.09 4.34
C PHE A 17 10.66 -42.57 3.97
N GLY A 18 11.82 -43.19 4.06
CA GLY A 18 11.97 -44.60 3.74
C GLY A 18 11.39 -44.96 2.39
N VAL A 19 11.87 -44.31 1.33
CA VAL A 19 11.33 -44.48 -0.01
C VAL A 19 12.49 -44.76 -0.95
N SER A 20 12.27 -45.65 -1.91
CA SER A 20 13.24 -45.87 -2.97
C SER A 20 13.11 -44.80 -4.03
N GLU A 21 14.25 -44.37 -4.57
CA GLU A 21 14.24 -43.39 -5.65
C GLU A 21 13.70 -44.00 -6.93
N THR A 22 13.72 -45.32 -7.04
CA THR A 22 13.34 -46.02 -8.25
C THR A 22 11.88 -46.46 -8.24
N THR A 23 11.34 -46.83 -7.09
CA THR A 23 9.95 -47.27 -7.02
C THR A 23 9.01 -46.15 -6.58
N GLY A 24 9.41 -45.37 -5.58
CA GLY A 24 8.53 -44.38 -5.01
C GLY A 24 7.79 -44.91 -3.80
N LEU A 25 6.75 -44.18 -3.40
CA LEU A 25 5.94 -44.57 -2.25
C LEU A 25 4.97 -45.68 -2.61
N THR A 26 4.86 -46.67 -1.73
CA THR A 26 3.88 -47.74 -1.89
C THR A 26 2.50 -47.22 -1.50
N PRO A 27 1.45 -47.90 -1.97
CA PRO A 27 0.08 -47.49 -1.61
C PRO A 27 -0.15 -47.24 -0.13
N ASP A 28 0.31 -48.14 0.75
CA ASP A 28 0.10 -47.93 2.17
C ASP A 28 0.82 -46.69 2.67
N GLN A 29 2.07 -46.50 2.26
CA GLN A 29 2.80 -45.29 2.61
C GLN A 29 2.00 -44.04 2.24
N VAL A 30 1.47 -44.01 1.01
CA VAL A 30 0.65 -42.87 0.59
C VAL A 30 -0.55 -42.73 1.51
N LYS A 31 -1.16 -43.85 1.89
CA LYS A 31 -2.29 -43.81 2.80
C LYS A 31 -1.89 -43.15 4.12
N ARG A 32 -0.81 -43.64 4.73
CA ARG A 32 -0.39 -43.13 6.02
C ARG A 32 0.11 -41.69 5.91
N HIS A 33 0.88 -41.38 4.86
CA HIS A 33 1.41 -40.03 4.73
C HIS A 33 0.28 -39.01 4.53
N LEU A 34 -0.73 -39.38 3.75
CA LEU A 34 -1.88 -38.50 3.59
C LEU A 34 -2.54 -38.23 4.93
N GLU A 35 -2.77 -39.28 5.73
CA GLU A 35 -3.36 -39.10 7.05
C GLU A 35 -2.49 -38.19 7.92
N LYS A 36 -1.18 -38.23 7.75
CA LYS A 36 -0.29 -37.53 8.68
C LYS A 36 -0.03 -36.10 8.23
N TYR A 37 0.04 -35.85 6.93
CA TYR A 37 0.45 -34.55 6.42
C TYR A 37 -0.66 -33.81 5.70
N GLY A 38 -1.83 -34.39 5.56
CA GLY A 38 -2.93 -33.68 4.91
C GLY A 38 -2.83 -33.69 3.40
N HIS A 39 -3.43 -32.68 2.79
CA HIS A 39 -3.44 -32.53 1.34
C HIS A 39 -2.59 -31.35 0.92
N ASN A 40 -1.94 -31.48 -0.24
CA ASN A 40 -1.04 -30.47 -0.77
C ASN A 40 -1.85 -29.34 -1.40
N GLU A 41 -2.38 -28.47 -0.55
CA GLU A 41 -3.15 -27.33 -1.01
C GLU A 41 -3.25 -26.30 0.09
N LEU A 42 -3.53 -25.07 -0.30
CA LEU A 42 -3.66 -23.99 0.66
C LEU A 42 -5.11 -23.83 1.08
N PRO A 43 -5.39 -23.68 2.37
CA PRO A 43 -6.78 -23.42 2.80
C PRO A 43 -7.27 -22.08 2.27
N ALA A 44 -8.49 -22.06 1.76
CA ALA A 44 -9.06 -20.81 1.28
C ALA A 44 -9.48 -19.94 2.45
N GLU A 45 -9.87 -18.71 2.14
CA GLU A 45 -10.31 -17.75 3.17
C GLU A 45 -11.50 -16.97 2.62
N GLU A 46 -12.70 -17.35 3.04
CA GLU A 46 -13.89 -16.65 2.58
C GLU A 46 -14.09 -15.33 3.33
N GLY A 47 -13.95 -15.35 4.65
CA GLY A 47 -14.01 -14.12 5.43
C GLY A 47 -15.40 -13.58 5.69
N LYS A 48 -16.05 -13.08 4.65
CA LYS A 48 -17.29 -12.33 4.82
C LYS A 48 -18.47 -13.24 5.08
N SER A 49 -19.06 -13.12 6.27
CA SER A 49 -20.43 -13.52 6.52
C SER A 49 -21.23 -12.24 6.68
N LEU A 50 -22.19 -12.01 5.77
CA LEU A 50 -22.93 -10.76 5.80
C LEU A 50 -23.57 -10.54 7.18
N TRP A 51 -24.13 -11.60 7.77
CA TRP A 51 -24.66 -11.49 9.13
C TRP A 51 -23.58 -11.09 10.11
N GLU A 52 -22.50 -11.88 10.18
CA GLU A 52 -21.42 -11.59 11.11
C GLU A 52 -20.78 -10.24 10.83
N LEU A 53 -20.82 -9.78 9.57
CA LEU A 53 -20.21 -8.50 9.24
C LEU A 53 -21.07 -7.35 9.71
N VAL A 54 -22.39 -7.47 9.57
CA VAL A 54 -23.27 -6.39 9.99
C VAL A 54 -23.32 -6.29 11.50
N ILE A 55 -23.33 -7.44 12.20
CA ILE A 55 -23.26 -7.40 13.65
C ILE A 55 -21.93 -6.83 14.10
N GLU A 56 -20.90 -6.89 13.24
CA GLU A 56 -19.65 -6.20 13.51
C GLU A 56 -19.80 -4.70 13.28
N GLN A 57 -20.74 -4.30 12.42
CA GLN A 57 -20.97 -2.87 12.18
C GLN A 57 -21.56 -2.18 13.39
N PHE A 58 -22.48 -2.84 14.08
CA PHE A 58 -23.17 -2.24 15.22
C PHE A 58 -22.47 -2.46 16.54
N GLU A 59 -21.29 -3.08 16.55
CA GLU A 59 -20.55 -3.20 17.80
C GLU A 59 -19.83 -1.92 18.17
N ASP A 60 -19.92 -0.88 17.34
CA ASP A 60 -19.36 0.41 17.70
C ASP A 60 -20.15 1.03 18.84
N LEU A 61 -19.46 1.79 19.68
CA LEU A 61 -20.09 2.33 20.88
C LEU A 61 -21.09 3.43 20.54
N LEU A 62 -20.65 4.44 19.79
CA LEU A 62 -21.51 5.59 19.50
C LEU A 62 -22.73 5.21 18.68
N VAL A 63 -22.79 4.01 18.11
CA VAL A 63 -23.99 3.55 17.43
C VAL A 63 -24.77 2.64 18.37
N ARG A 64 -24.06 1.97 19.29
CA ARG A 64 -24.75 1.22 20.33
C ARG A 64 -25.55 2.14 21.23
N ILE A 65 -25.03 3.33 21.51
CA ILE A 65 -25.74 4.29 22.34
C ILE A 65 -26.95 4.84 21.60
N LEU A 66 -26.77 5.23 20.34
CA LEU A 66 -27.91 5.71 19.56
C LEU A 66 -28.93 4.62 19.35
N LEU A 67 -28.47 3.39 19.11
CA LEU A 67 -29.39 2.25 19.09
C LEU A 67 -30.14 2.15 20.40
N LEU A 68 -29.40 2.19 21.51
CA LEU A 68 -30.03 2.31 22.82
C LEU A 68 -30.98 3.48 22.87
N ALA A 69 -30.58 4.61 22.29
CA ALA A 69 -31.45 5.79 22.26
C ALA A 69 -32.55 5.68 21.21
N ALA A 70 -32.57 4.63 20.40
CA ALA A 70 -33.66 4.47 19.44
C ALA A 70 -34.83 3.72 20.08
N CYS A 71 -34.55 2.60 20.74
CA CYS A 71 -35.60 1.86 21.43
C CYS A 71 -36.17 2.65 22.58
N ILE A 72 -35.32 3.38 23.31
CA ILE A 72 -35.80 4.22 24.39
C ILE A 72 -36.72 5.31 23.85
N SER A 73 -36.49 5.76 22.62
CA SER A 73 -37.39 6.75 22.03
C SER A 73 -38.75 6.15 21.70
N PHE A 74 -38.80 4.84 21.41
CA PHE A 74 -40.10 4.20 21.22
C PHE A 74 -40.93 4.28 22.49
N VAL A 75 -40.28 4.11 23.65
CA VAL A 75 -40.96 4.32 24.92
C VAL A 75 -41.53 5.73 24.99
N LEU A 76 -40.82 6.70 24.43
CA LEU A 76 -41.33 8.07 24.32
C LEU A 76 -42.37 8.22 23.22
N ALA A 77 -42.77 7.14 22.56
CA ALA A 77 -43.93 7.18 21.68
C ALA A 77 -45.17 6.57 22.32
N TRP A 78 -45.02 5.93 23.49
CA TRP A 78 -46.11 5.20 24.10
C TRP A 78 -47.05 6.09 24.90
N PHE A 79 -46.55 7.18 25.47
CA PHE A 79 -47.44 8.05 26.25
C PHE A 79 -48.52 8.62 25.34
N GLU A 80 -49.70 8.86 25.92
CA GLU A 80 -50.87 9.28 25.17
C GLU A 80 -51.35 10.65 25.62
N GLU A 81 -50.44 11.48 26.12
CA GLU A 81 -50.86 12.73 26.76
C GLU A 81 -51.39 13.74 25.75
N GLY A 82 -50.77 13.82 24.57
CA GLY A 82 -51.17 14.83 23.61
C GLY A 82 -51.61 14.30 22.27
N GLU A 83 -52.37 15.10 21.52
CA GLU A 83 -52.76 14.71 20.17
C GLU A 83 -51.55 14.69 19.24
N GLU A 84 -50.58 15.57 19.47
CA GLU A 84 -49.37 15.58 18.65
C GLU A 84 -48.61 14.26 18.77
N THR A 85 -48.85 13.51 19.84
CA THR A 85 -48.12 12.26 20.06
C THR A 85 -48.26 11.31 18.87
N ILE A 86 -49.46 11.27 18.25
CA ILE A 86 -49.69 10.36 17.14
C ILE A 86 -48.77 10.65 15.96
N THR A 87 -48.30 11.90 15.84
CA THR A 87 -47.30 12.26 14.85
C THR A 87 -45.88 12.21 15.40
N ALA A 88 -45.74 12.07 16.72
CA ALA A 88 -44.44 12.00 17.38
C ALA A 88 -43.83 10.60 17.36
N PHE A 89 -44.57 9.59 16.89
CA PHE A 89 -44.01 8.26 16.71
C PHE A 89 -42.88 8.23 15.70
N VAL A 90 -42.77 9.27 14.86
CA VAL A 90 -41.74 9.31 13.84
C VAL A 90 -40.35 9.53 14.43
N GLU A 91 -40.27 10.09 15.64
CA GLU A 91 -38.98 10.51 16.17
C GLU A 91 -38.03 9.35 16.43
N PRO A 92 -38.43 8.23 17.06
CA PRO A 92 -37.53 7.07 17.09
C PRO A 92 -37.29 6.49 15.71
N PHE A 93 -38.27 6.59 14.81
CA PHE A 93 -38.10 6.09 13.46
C PHE A 93 -37.07 6.91 12.70
N VAL A 94 -37.00 8.21 12.97
CA VAL A 94 -36.03 9.07 12.28
C VAL A 94 -34.61 8.65 12.64
N ILE A 95 -34.34 8.50 13.93
CA ILE A 95 -33.00 8.14 14.38
C ILE A 95 -32.61 6.77 13.87
N LEU A 96 -33.56 5.84 13.78
CA LEU A 96 -33.24 4.49 13.35
C LEU A 96 -32.78 4.45 11.91
N LEU A 97 -33.53 5.11 11.01
CA LEU A 97 -33.13 5.11 9.61
C LEU A 97 -31.83 5.86 9.37
N ILE A 98 -31.45 6.76 10.28
CA ILE A 98 -30.14 7.39 10.18
C ILE A 98 -29.06 6.41 10.61
N LEU A 99 -29.34 5.59 11.64
CA LEU A 99 -28.41 4.53 12.01
C LEU A 99 -28.29 3.49 10.92
N ILE A 100 -29.31 3.36 10.07
CA ILE A 100 -29.24 2.43 8.95
C ILE A 100 -28.41 3.02 7.81
N ALA A 101 -28.64 4.31 7.50
CA ALA A 101 -27.83 4.97 6.48
C ALA A 101 -26.35 4.90 6.83
N ASN A 102 -25.98 5.34 8.03
CA ASN A 102 -24.59 5.26 8.48
C ASN A 102 -24.08 3.83 8.58
N ALA A 103 -24.95 2.84 8.42
CA ALA A 103 -24.56 1.43 8.46
C ALA A 103 -24.40 0.83 7.08
N ILE A 104 -25.25 1.21 6.13
CA ILE A 104 -25.12 0.69 4.76
C ILE A 104 -23.79 1.11 4.15
N VAL A 105 -23.43 2.38 4.33
CA VAL A 105 -22.23 2.92 3.69
C VAL A 105 -20.98 2.19 4.17
N GLY A 106 -20.96 1.75 5.42
CA GLY A 106 -19.85 0.94 5.88
C GLY A 106 -19.75 -0.37 5.12
N VAL A 107 -20.89 -1.05 4.94
CA VAL A 107 -20.93 -2.27 4.13
C VAL A 107 -20.55 -1.97 2.69
N TRP A 108 -20.88 -0.76 2.22
CA TRP A 108 -20.58 -0.37 0.84
C TRP A 108 -19.07 -0.35 0.57
N GLN A 109 -18.25 -0.11 1.60
CA GLN A 109 -16.81 -0.07 1.44
C GLN A 109 -16.14 -1.41 1.66
N GLU A 110 -16.78 -2.33 2.38
CA GLU A 110 -16.22 -3.66 2.60
C GLU A 110 -16.49 -4.61 1.44
N ARG A 111 -17.38 -4.25 0.51
CA ARG A 111 -17.77 -5.19 -0.54
C ARG A 111 -16.59 -5.58 -1.42
N ASN A 112 -15.73 -4.62 -1.76
CA ASN A 112 -14.60 -4.89 -2.64
C ASN A 112 -13.41 -5.45 -1.90
N ALA A 113 -13.64 -6.44 -1.04
CA ALA A 113 -12.55 -7.18 -0.44
C ALA A 113 -12.03 -8.18 -1.46
N GLU A 114 -10.86 -7.91 -2.02
CA GLU A 114 -10.21 -8.88 -2.88
C GLU A 114 -9.60 -9.98 -2.02
N ASN A 115 -9.68 -11.22 -2.49
CA ASN A 115 -9.20 -12.35 -1.71
C ASN A 115 -7.74 -12.60 -2.06
N ALA A 116 -6.87 -12.21 -1.14
CA ALA A 116 -5.43 -12.39 -1.34
C ALA A 116 -5.09 -13.86 -1.57
N ILE A 117 -5.58 -14.73 -0.69
CA ILE A 117 -5.31 -16.16 -0.83
C ILE A 117 -5.78 -16.66 -2.18
N GLU A 118 -6.95 -16.20 -2.63
CA GLU A 118 -7.45 -16.61 -3.93
C GLU A 118 -6.44 -16.24 -5.03
N ALA A 119 -6.00 -14.99 -5.04
CA ALA A 119 -4.97 -14.58 -5.97
C ALA A 119 -3.72 -15.45 -5.82
N LEU A 120 -3.29 -15.66 -4.58
CA LEU A 120 -2.10 -16.45 -4.32
C LEU A 120 -2.25 -17.90 -4.80
N LYS A 121 -3.42 -18.51 -4.55
CA LYS A 121 -3.65 -19.90 -4.95
C LYS A 121 -3.65 -20.09 -6.46
N GLU A 122 -3.60 -19.02 -7.24
CA GLU A 122 -3.39 -19.16 -8.67
C GLU A 122 -2.06 -19.84 -8.97
N TYR A 123 -1.14 -19.86 -8.00
CA TYR A 123 0.19 -20.42 -8.17
C TYR A 123 0.29 -21.88 -7.75
N GLU A 124 -0.85 -22.55 -7.51
CA GLU A 124 -0.79 -23.99 -7.30
C GLU A 124 -1.39 -24.71 -8.48
N PRO A 125 -0.60 -25.52 -9.17
CA PRO A 125 -1.11 -26.22 -10.35
C PRO A 125 -2.06 -27.33 -9.96
N GLU A 126 -2.99 -27.64 -10.86
CA GLU A 126 -3.95 -28.71 -10.57
C GLU A 126 -3.30 -30.08 -10.66
N MET A 127 -2.30 -30.26 -11.51
CA MET A 127 -1.70 -31.56 -11.73
C MET A 127 -0.24 -31.59 -11.26
N GLY A 128 0.26 -32.82 -11.13
CA GLY A 128 1.64 -33.05 -10.74
C GLY A 128 2.05 -34.47 -11.11
N LYS A 129 3.31 -34.63 -11.51
CA LYS A 129 3.84 -35.90 -11.98
C LYS A 129 4.65 -36.58 -10.88
N VAL A 130 4.21 -37.76 -10.46
CA VAL A 130 4.91 -38.53 -9.43
C VAL A 130 5.23 -39.93 -9.94
N TYR A 131 6.13 -40.59 -9.22
CA TYR A 131 6.49 -41.99 -9.42
C TYR A 131 6.11 -42.75 -8.17
N ARG A 132 5.23 -43.74 -8.30
CA ARG A 132 4.81 -44.53 -7.15
C ARG A 132 4.93 -46.01 -7.49
N ALA A 133 4.89 -46.82 -6.43
CA ALA A 133 5.28 -48.22 -6.56
C ALA A 133 4.35 -49.01 -7.45
N ASP A 134 3.08 -48.60 -7.56
CA ASP A 134 2.08 -49.40 -8.26
C ASP A 134 2.24 -49.36 -9.77
N ARG A 135 3.13 -48.53 -10.30
CA ARG A 135 3.29 -48.37 -11.74
C ARG A 135 4.68 -47.87 -12.03
N LYS A 136 5.29 -48.42 -13.08
CA LYS A 136 6.61 -47.95 -13.50
C LYS A 136 6.52 -46.62 -14.24
N SER A 137 5.53 -46.50 -15.12
CA SER A 137 5.26 -45.24 -15.81
C SER A 137 4.97 -44.14 -14.80
N VAL A 138 5.26 -42.91 -15.21
CA VAL A 138 4.97 -41.77 -14.36
C VAL A 138 3.46 -41.54 -14.32
N GLN A 139 2.97 -41.22 -13.14
CA GLN A 139 1.55 -40.97 -12.94
C GLN A 139 1.34 -39.47 -12.86
N ARG A 140 0.34 -38.98 -13.61
CA ARG A 140 -0.08 -37.59 -13.53
C ARG A 140 -1.31 -37.55 -12.63
N ILE A 141 -1.15 -36.96 -11.44
CA ILE A 141 -2.20 -36.97 -10.44
C ILE A 141 -2.54 -35.53 -10.06
N LYS A 142 -3.65 -35.37 -9.35
CA LYS A 142 -3.98 -34.08 -8.77
C LYS A 142 -2.87 -33.66 -7.82
N ALA A 143 -2.46 -32.40 -7.90
CA ALA A 143 -1.36 -31.95 -7.06
C ALA A 143 -1.73 -31.99 -5.58
N ARG A 144 -3.02 -31.90 -5.26
CA ARG A 144 -3.41 -31.96 -3.86
C ARG A 144 -3.30 -33.37 -3.29
N ASP A 145 -3.06 -34.37 -4.13
CA ASP A 145 -2.91 -35.75 -3.67
C ASP A 145 -1.46 -36.14 -3.49
N ILE A 146 -0.55 -35.17 -3.52
CA ILE A 146 0.87 -35.41 -3.35
C ILE A 146 1.21 -35.31 -1.88
N VAL A 147 1.83 -36.35 -1.34
CA VAL A 147 2.23 -36.32 0.07
C VAL A 147 3.72 -36.09 0.20
N PRO A 148 4.20 -35.61 1.35
CA PRO A 148 5.64 -35.60 1.59
C PRO A 148 6.22 -36.98 1.41
N GLY A 149 7.35 -37.05 0.72
CA GLY A 149 8.12 -38.26 0.60
C GLY A 149 8.00 -38.99 -0.72
N ASP A 150 7.13 -38.58 -1.63
CA ASP A 150 7.10 -39.34 -2.86
C ASP A 150 7.97 -38.68 -3.92
N ILE A 151 8.44 -39.50 -4.86
CA ILE A 151 9.30 -39.06 -5.93
C ILE A 151 8.47 -38.25 -6.92
N VAL A 152 8.94 -37.04 -7.25
CA VAL A 152 8.21 -36.12 -8.10
C VAL A 152 9.08 -35.76 -9.30
N GLU A 153 8.43 -35.48 -10.43
CA GLU A 153 9.08 -35.08 -11.66
C GLU A 153 8.56 -33.73 -12.12
N VAL A 154 9.48 -32.87 -12.55
CA VAL A 154 9.17 -31.56 -13.09
C VAL A 154 9.96 -31.36 -14.37
N ALA A 155 9.43 -30.56 -15.29
CA ALA A 155 10.17 -30.21 -16.49
C ALA A 155 9.73 -28.83 -16.95
N VAL A 156 10.22 -28.41 -18.13
CA VAL A 156 9.99 -27.06 -18.64
C VAL A 156 8.52 -26.72 -18.58
N GLY A 157 8.22 -25.51 -18.13
CA GLY A 157 6.87 -25.02 -18.07
C GLY A 157 6.10 -25.45 -16.83
N ASP A 158 6.45 -26.60 -16.26
CA ASP A 158 5.71 -27.09 -15.09
C ASP A 158 5.68 -26.03 -14.00
N LYS A 159 4.62 -26.03 -13.21
CA LYS A 159 4.56 -25.27 -11.97
C LYS A 159 4.84 -26.23 -10.83
N VAL A 160 5.94 -25.99 -10.12
CA VAL A 160 6.35 -26.84 -9.00
C VAL A 160 5.17 -27.04 -8.05
N PRO A 161 4.82 -28.29 -7.71
CA PRO A 161 3.59 -28.53 -6.94
C PRO A 161 3.78 -28.62 -5.44
N ALA A 162 5.01 -28.89 -4.98
CA ALA A 162 5.27 -28.94 -3.56
C ALA A 162 6.70 -28.47 -3.33
N ASP A 163 7.08 -28.30 -2.06
CA ASP A 163 8.46 -27.96 -1.72
C ASP A 163 9.28 -29.23 -1.79
N ILE A 164 10.21 -29.28 -2.74
CA ILE A 164 10.82 -30.51 -3.19
C ILE A 164 12.34 -30.43 -3.03
N ARG A 165 12.92 -31.48 -2.47
CA ARG A 165 14.38 -31.66 -2.46
C ARG A 165 14.78 -32.40 -3.73
N ILE A 166 15.64 -31.79 -4.52
CA ILE A 166 16.02 -32.34 -5.82
C ILE A 166 16.90 -33.56 -5.63
N LEU A 167 16.60 -34.62 -6.35
CA LEU A 167 17.38 -35.85 -6.30
C LEU A 167 18.29 -36.01 -7.50
N SER A 168 17.79 -35.77 -8.69
CA SER A 168 18.54 -36.00 -9.91
C SER A 168 18.12 -34.96 -10.92
N ILE A 169 19.10 -34.32 -11.57
CA ILE A 169 18.82 -33.38 -12.64
C ILE A 169 19.21 -34.05 -13.95
N LYS A 170 18.20 -34.27 -14.80
CA LYS A 170 18.38 -34.99 -16.05
C LYS A 170 18.98 -34.12 -17.14
N SER A 171 18.68 -32.82 -17.13
CA SER A 171 19.30 -31.90 -18.05
C SER A 171 20.70 -31.55 -17.57
N THR A 172 21.47 -30.85 -18.42
CA THR A 172 22.78 -30.44 -17.96
C THR A 172 22.66 -29.33 -16.93
N THR A 173 21.59 -28.54 -17.01
CA THR A 173 21.22 -27.60 -15.95
C THR A 173 19.72 -27.64 -15.76
N LEU A 174 19.29 -27.37 -14.53
CA LEU A 174 17.89 -27.10 -14.22
C LEU A 174 17.75 -25.63 -13.83
N ARG A 175 16.87 -24.91 -14.52
CA ARG A 175 16.76 -23.47 -14.33
C ARG A 175 15.34 -23.12 -13.89
N VAL A 176 15.23 -22.41 -12.76
CA VAL A 176 13.95 -22.19 -12.09
C VAL A 176 13.68 -20.70 -11.98
N ASP A 177 12.43 -20.31 -12.18
CA ASP A 177 11.97 -18.94 -11.96
C ASP A 177 11.31 -18.90 -10.59
N GLN A 178 12.00 -18.32 -9.60
CA GLN A 178 11.41 -18.24 -8.27
C GLN A 178 11.23 -16.82 -7.80
N SER A 179 10.60 -15.98 -8.63
CA SER A 179 10.30 -14.62 -8.21
C SER A 179 9.21 -14.59 -7.14
N ILE A 180 8.33 -15.58 -7.16
CA ILE A 180 7.27 -15.79 -6.18
C ILE A 180 7.82 -15.58 -4.77
N LEU A 181 9.04 -16.09 -4.54
CA LEU A 181 9.71 -16.03 -3.24
C LEU A 181 10.89 -15.07 -3.16
N THR A 182 11.40 -14.59 -4.29
CA THR A 182 12.51 -13.65 -4.27
C THR A 182 12.24 -12.36 -5.00
N GLY A 183 11.16 -12.28 -5.75
CA GLY A 183 10.89 -11.08 -6.53
C GLY A 183 11.84 -10.88 -7.68
N GLU A 184 12.70 -11.86 -7.97
CA GLU A 184 13.67 -11.78 -9.06
C GLU A 184 13.29 -12.76 -10.15
N SER A 185 13.26 -12.27 -11.39
CA SER A 185 12.82 -13.07 -12.53
C SER A 185 13.96 -13.87 -13.17
N VAL A 186 15.20 -13.48 -12.91
CA VAL A 186 16.35 -14.26 -13.36
C VAL A 186 16.19 -15.71 -12.94
N SER A 187 16.50 -16.61 -13.87
CA SER A 187 16.34 -18.03 -13.61
C SER A 187 17.54 -18.58 -12.86
N VAL A 188 17.30 -19.32 -11.80
CA VAL A 188 18.39 -19.78 -10.95
C VAL A 188 18.69 -21.24 -11.26
N ILE A 189 19.98 -21.57 -11.19
CA ILE A 189 20.49 -22.86 -11.59
C ILE A 189 20.65 -23.71 -10.33
N LYS A 190 19.81 -24.74 -10.22
CA LYS A 190 19.84 -25.60 -9.04
C LYS A 190 20.95 -26.64 -9.16
N HIS A 191 21.18 -27.34 -8.06
CA HIS A 191 22.03 -28.53 -8.01
C HIS A 191 21.40 -29.49 -7.01
N THR A 192 22.16 -30.52 -6.59
CA THR A 192 21.64 -31.50 -5.64
C THR A 192 22.54 -31.69 -4.43
N GLU A 193 23.67 -31.01 -4.37
CA GLU A 193 24.52 -31.10 -3.20
C GLU A 193 23.81 -30.50 -1.99
N PRO A 194 24.15 -30.93 -0.79
CA PRO A 194 23.48 -30.40 0.38
C PRO A 194 23.89 -28.97 0.65
N VAL A 195 22.99 -28.22 1.27
CA VAL A 195 23.19 -26.83 1.64
C VAL A 195 23.26 -26.80 3.16
N PRO A 196 24.46 -26.93 3.74
CA PRO A 196 24.56 -27.31 5.16
C PRO A 196 23.93 -26.34 6.14
N ASP A 197 23.87 -25.05 5.84
CA ASP A 197 23.42 -24.07 6.81
C ASP A 197 21.95 -24.32 7.19
N PRO A 198 21.66 -24.67 8.44
CA PRO A 198 20.25 -24.85 8.83
C PRO A 198 19.44 -23.58 8.64
N ARG A 199 20.02 -22.42 8.97
CA ARG A 199 19.38 -21.11 8.86
C ARG A 199 19.42 -20.54 7.43
N ALA A 200 19.72 -21.36 6.42
CA ALA A 200 19.74 -20.86 5.06
C ALA A 200 18.39 -20.27 4.67
N VAL A 201 18.42 -19.19 3.89
CA VAL A 201 17.21 -18.60 3.33
C VAL A 201 16.91 -19.28 2.00
N ASN A 202 15.74 -18.98 1.42
CA ASN A 202 15.36 -19.63 0.16
C ASN A 202 16.40 -19.38 -0.91
N GLN A 203 16.94 -18.16 -0.96
CA GLN A 203 17.92 -17.82 -1.99
C GLN A 203 19.17 -18.68 -1.91
N ASP A 204 19.43 -19.30 -0.76
CA ASP A 204 20.58 -20.16 -0.58
C ASP A 204 20.24 -21.64 -0.71
N LYS A 205 18.96 -21.99 -0.83
CA LYS A 205 18.56 -23.39 -0.87
C LYS A 205 18.57 -23.90 -2.30
N LYS A 206 19.76 -23.87 -2.90
CA LYS A 206 19.86 -24.17 -4.32
C LYS A 206 19.56 -25.63 -4.66
N ASN A 207 19.26 -26.48 -3.69
CA ASN A 207 18.89 -27.86 -3.96
C ASN A 207 17.41 -28.11 -3.73
N MET A 208 16.63 -27.05 -3.57
CA MET A 208 15.19 -27.13 -3.34
C MET A 208 14.43 -26.62 -4.55
N LEU A 209 13.23 -27.16 -4.74
CA LEU A 209 12.21 -26.55 -5.58
C LEU A 209 11.05 -26.16 -4.67
N PHE A 210 10.48 -24.99 -4.92
CA PHE A 210 9.43 -24.45 -4.06
C PHE A 210 8.09 -24.43 -4.79
N SER A 211 7.08 -25.02 -4.16
CA SER A 211 5.71 -24.98 -4.64
C SER A 211 5.34 -23.57 -5.08
N GLY A 212 4.97 -23.43 -6.35
CA GLY A 212 4.59 -22.14 -6.89
C GLY A 212 5.57 -21.63 -7.92
N THR A 213 6.86 -21.80 -7.65
CA THR A 213 7.86 -21.47 -8.64
C THR A 213 7.69 -22.38 -9.84
N ASN A 214 8.18 -21.92 -11.00
CA ASN A 214 8.01 -22.68 -12.23
C ASN A 214 9.35 -22.91 -12.90
N ILE A 215 9.47 -24.08 -13.54
CA ILE A 215 10.71 -24.48 -14.22
C ILE A 215 10.87 -23.67 -15.50
N ALA A 216 11.95 -22.92 -15.59
CA ALA A 216 12.23 -22.22 -16.84
C ALA A 216 12.89 -23.15 -17.83
N ALA A 217 13.73 -24.07 -17.35
CA ALA A 217 14.38 -25.00 -18.25
C ALA A 217 14.85 -26.20 -17.48
N GLY A 218 14.74 -27.36 -18.10
CA GLY A 218 15.33 -28.56 -17.55
C GLY A 218 14.29 -29.61 -17.24
N LYS A 219 14.77 -30.67 -16.61
CA LYS A 219 13.95 -31.79 -16.17
C LYS A 219 14.69 -32.43 -15.02
N ALA A 220 14.02 -32.61 -13.90
CA ALA A 220 14.67 -33.11 -12.72
C ALA A 220 13.73 -34.03 -11.98
N LEU A 221 14.30 -34.74 -11.01
CA LEU A 221 13.57 -35.65 -10.15
C LEU A 221 13.86 -35.27 -8.72
N GLY A 222 12.82 -35.26 -7.89
CA GLY A 222 12.99 -34.87 -6.51
C GLY A 222 12.05 -35.61 -5.59
N ILE A 223 12.26 -35.41 -4.29
CA ILE A 223 11.38 -35.96 -3.26
C ILE A 223 10.72 -34.81 -2.54
N VAL A 224 9.43 -34.98 -2.22
CA VAL A 224 8.67 -33.90 -1.61
C VAL A 224 9.08 -33.74 -0.17
N ALA A 225 9.45 -32.52 0.22
CA ALA A 225 9.85 -32.28 1.60
C ALA A 225 8.68 -31.81 2.45
N THR A 226 7.88 -30.87 1.95
CA THR A 226 6.71 -30.38 2.67
C THR A 226 5.60 -30.08 1.67
N THR A 227 4.37 -30.07 2.17
CA THR A 227 3.20 -29.77 1.36
C THR A 227 2.31 -28.78 2.11
N GLY A 228 1.21 -28.41 1.46
CA GLY A 228 0.17 -27.62 2.09
C GLY A 228 0.68 -26.35 2.75
N VAL A 229 0.23 -26.15 3.99
CA VAL A 229 0.62 -24.98 4.77
C VAL A 229 2.11 -24.92 5.07
N SER A 230 2.80 -26.06 5.07
CA SER A 230 4.20 -26.12 5.51
C SER A 230 5.19 -25.70 4.45
N THR A 231 4.74 -25.40 3.23
CA THR A 231 5.66 -24.96 2.19
C THR A 231 5.98 -23.49 2.33
N GLU A 232 6.96 -23.05 1.53
CA GLU A 232 7.36 -21.65 1.60
C GLU A 232 6.22 -20.73 1.19
N ILE A 233 5.47 -21.12 0.14
CA ILE A 233 4.34 -20.32 -0.29
C ILE A 233 3.25 -20.33 0.77
N GLY A 234 3.11 -21.44 1.52
CA GLY A 234 2.12 -21.49 2.58
C GLY A 234 2.43 -20.55 3.73
N LYS A 235 3.72 -20.29 3.97
CA LYS A 235 4.09 -19.27 4.95
C LYS A 235 3.69 -17.89 4.47
N ILE A 236 3.77 -17.66 3.16
CA ILE A 236 3.21 -16.42 2.62
C ILE A 236 1.72 -16.37 2.90
N ARG A 237 1.03 -17.51 2.75
CA ARG A 237 -0.42 -17.54 2.91
C ARG A 237 -0.82 -17.20 4.33
N ASP A 238 -0.29 -17.94 5.31
CA ASP A 238 -0.63 -17.69 6.71
C ASP A 238 -0.46 -16.23 7.07
N GLN A 239 0.68 -15.64 6.71
CA GLN A 239 0.90 -14.23 7.01
C GLN A 239 -0.15 -13.32 6.37
N MET A 240 -0.63 -13.67 5.18
CA MET A 240 -1.66 -12.86 4.54
C MET A 240 -3.00 -13.04 5.23
N ALA A 241 -3.31 -14.27 5.65
CA ALA A 241 -4.54 -14.49 6.39
C ALA A 241 -4.49 -13.82 7.75
N ALA A 242 -3.33 -13.90 8.42
CA ALA A 242 -3.21 -13.50 9.82
C ALA A 242 -3.12 -11.99 10.00
N THR A 243 -2.52 -11.27 9.05
CA THR A 243 -2.40 -9.83 9.21
C THR A 243 -3.78 -9.17 9.26
N GLU A 244 -4.18 -8.74 10.45
CA GLU A 244 -5.42 -8.00 10.64
C GLU A 244 -5.09 -6.51 10.61
N GLN A 245 -5.83 -5.77 9.80
CA GLN A 245 -5.56 -4.35 9.59
C GLN A 245 -6.05 -3.52 10.78
N ASP A 246 -5.16 -2.69 11.32
CA ASP A 246 -5.51 -1.80 12.41
C ASP A 246 -6.44 -0.69 11.91
N LYS A 247 -6.91 0.13 12.84
CA LYS A 247 -7.80 1.23 12.52
C LYS A 247 -7.00 2.49 12.18
N THR A 248 -7.67 3.38 11.48
CA THR A 248 -7.05 4.61 11.02
C THR A 248 -6.69 5.51 12.21
N PRO A 249 -5.58 6.26 12.14
CA PRO A 249 -5.23 7.13 13.26
C PRO A 249 -6.34 8.09 13.65
N LEU A 250 -7.09 8.59 12.67
CA LEU A 250 -8.22 9.46 12.99
C LEU A 250 -9.39 8.65 13.50
N GLN A 251 -9.59 7.44 12.98
CA GLN A 251 -10.60 6.56 13.54
C GLN A 251 -10.26 6.18 14.98
N GLN A 252 -8.96 6.00 15.28
CA GLN A 252 -8.55 5.82 16.67
C GLN A 252 -8.89 7.05 17.51
N LYS A 253 -8.70 8.24 16.95
CA LYS A 253 -9.03 9.45 17.68
C LYS A 253 -10.53 9.58 17.88
N LEU A 254 -11.33 9.07 16.93
CA LEU A 254 -12.78 9.12 17.09
C LEU A 254 -13.28 8.09 18.08
N ASP A 255 -12.57 6.96 18.21
CA ASP A 255 -13.02 5.92 19.13
C ASP A 255 -12.77 6.33 20.58
N GLU A 256 -11.60 6.89 20.88
CA GLU A 256 -11.37 7.42 22.22
C GLU A 256 -12.36 8.53 22.55
N PHE A 257 -12.88 9.21 21.53
CA PHE A 257 -13.94 10.17 21.74
C PHE A 257 -15.25 9.50 22.13
N GLY A 258 -15.51 8.31 21.59
CA GLY A 258 -16.72 7.59 21.95
C GLY A 258 -16.67 7.03 23.36
N GLU A 259 -15.51 6.52 23.78
CA GLU A 259 -15.37 5.99 25.13
C GLU A 259 -15.59 7.08 26.17
N GLN A 260 -14.97 8.24 25.96
CA GLN A 260 -15.15 9.35 26.89
C GLN A 260 -16.58 9.86 26.86
N LEU A 261 -17.26 9.76 25.72
CA LEU A 261 -18.66 10.16 25.64
C LEU A 261 -19.54 9.25 26.49
N SER A 262 -19.35 7.94 26.37
CA SER A 262 -20.07 6.99 27.22
C SER A 262 -19.68 7.12 28.68
N LYS A 263 -18.68 7.93 29.00
CA LYS A 263 -18.31 8.19 30.39
C LYS A 263 -19.02 9.44 30.92
N VAL A 264 -18.83 10.59 30.27
CA VAL A 264 -19.37 11.84 30.78
C VAL A 264 -20.89 11.83 30.73
N ILE A 265 -21.47 11.27 29.66
CA ILE A 265 -22.93 11.20 29.57
C ILE A 265 -23.49 10.31 30.65
N SER A 266 -23.07 9.04 30.67
CA SER A 266 -23.60 8.09 31.63
C SER A 266 -23.34 8.51 33.08
N LEU A 267 -22.41 9.44 33.31
CA LEU A 267 -22.21 9.99 34.64
C LEU A 267 -22.95 11.30 34.86
N ILE A 268 -23.42 11.96 33.80
CA ILE A 268 -24.28 13.12 33.99
C ILE A 268 -25.68 12.69 34.38
N CYS A 269 -26.27 11.78 33.60
CA CYS A 269 -27.63 11.31 33.88
C CYS A 269 -27.73 10.69 35.27
N VAL A 270 -26.68 10.00 35.73
CA VAL A 270 -26.67 9.46 37.08
C VAL A 270 -26.18 10.47 38.11
N ALA A 271 -25.80 11.67 37.68
CA ALA A 271 -25.53 12.76 38.61
C ALA A 271 -26.68 13.77 38.71
N VAL A 272 -27.64 13.70 37.79
CA VAL A 272 -28.87 14.49 37.93
C VAL A 272 -29.58 14.11 39.22
N TRP A 273 -29.49 12.82 39.60
CA TRP A 273 -30.09 12.37 40.85
C TRP A 273 -29.59 13.15 42.06
N LEU A 274 -28.41 13.77 41.97
CA LEU A 274 -27.93 14.62 43.06
C LEU A 274 -28.73 15.90 43.19
N ILE A 275 -29.37 16.35 42.10
CA ILE A 275 -30.20 17.55 42.14
C ILE A 275 -31.64 17.16 41.89
N ASN A 276 -32.08 16.06 42.49
CA ASN A 276 -33.50 15.78 42.58
C ASN A 276 -34.16 16.51 43.75
N ILE A 277 -33.54 17.61 44.20
CA ILE A 277 -34.12 18.43 45.25
C ILE A 277 -35.42 19.08 44.78
N GLY A 278 -35.57 19.29 43.46
CA GLY A 278 -36.80 19.86 42.94
C GLY A 278 -37.95 18.89 42.92
N HIS A 279 -37.67 17.59 42.84
CA HIS A 279 -38.70 16.55 42.86
C HIS A 279 -39.00 16.05 44.27
N PHE A 280 -38.77 16.89 45.30
CA PHE A 280 -39.22 16.54 46.64
C PHE A 280 -40.72 16.79 46.81
N ASN A 281 -41.23 17.84 46.18
CA ASN A 281 -42.65 18.15 46.22
C ASN A 281 -43.04 18.93 44.97
N ASP A 282 -42.63 18.42 43.80
CA ASP A 282 -42.98 19.02 42.52
C ASP A 282 -44.42 18.72 42.13
N PRO A 283 -44.97 17.55 42.49
CA PRO A 283 -46.43 17.38 42.44
C PRO A 283 -47.09 18.04 43.64
N VAL A 284 -48.41 18.19 43.54
CA VAL A 284 -49.16 18.83 44.62
C VAL A 284 -49.17 17.94 45.87
N HIS A 285 -49.27 16.62 45.68
CA HIS A 285 -49.23 15.70 46.81
C HIS A 285 -48.58 14.38 46.42
N GLY A 286 -48.52 14.09 45.13
CA GLY A 286 -47.95 12.85 44.64
C GLY A 286 -46.43 12.87 44.69
N GLY A 287 -45.85 11.82 44.11
CA GLY A 287 -44.41 11.66 44.02
C GLY A 287 -43.99 11.27 42.62
N SER A 288 -42.87 10.57 42.54
CA SER A 288 -42.35 10.09 41.27
C SER A 288 -43.00 8.76 40.91
N TRP A 289 -43.53 8.66 39.70
CA TRP A 289 -44.24 7.47 39.25
C TRP A 289 -43.74 7.06 37.87
N ILE A 290 -44.60 6.35 37.14
CA ILE A 290 -44.26 5.94 35.78
C ILE A 290 -44.25 7.14 34.84
N ARG A 291 -45.15 8.09 35.06
CA ARG A 291 -45.23 9.31 34.28
C ARG A 291 -44.69 10.45 35.13
N GLY A 292 -43.41 10.78 34.91
CA GLY A 292 -42.69 11.72 35.74
C GLY A 292 -41.23 11.30 35.78
N ALA A 293 -41.01 10.00 35.87
CA ALA A 293 -39.68 9.43 35.69
C ALA A 293 -39.30 9.31 34.22
N ILE A 294 -40.26 9.46 33.30
CA ILE A 294 -39.94 9.52 31.87
C ILE A 294 -39.03 10.70 31.58
N TYR A 295 -39.17 11.78 32.36
CA TYR A 295 -38.34 12.96 32.15
C TYR A 295 -36.86 12.65 32.31
N TYR A 296 -36.50 11.63 33.09
CA TYR A 296 -35.10 11.28 33.28
C TYR A 296 -34.53 10.60 32.05
N PHE A 297 -35.34 9.81 31.33
CA PHE A 297 -34.90 9.21 30.08
C PHE A 297 -35.20 10.09 28.89
N LYS A 298 -36.14 11.04 29.03
CA LYS A 298 -36.32 12.07 28.02
C LYS A 298 -35.07 12.94 27.90
N ILE A 299 -34.43 13.25 29.03
CA ILE A 299 -33.18 13.99 29.00
C ILE A 299 -31.98 13.09 28.74
N ALA A 300 -32.18 11.78 28.75
CA ALA A 300 -31.12 10.85 28.37
C ALA A 300 -31.05 10.66 26.86
N VAL A 301 -32.20 10.48 26.21
CA VAL A 301 -32.21 10.31 24.76
C VAL A 301 -31.72 11.57 24.07
N ALA A 302 -32.01 12.74 24.66
CA ALA A 302 -31.55 13.99 24.06
C ALA A 302 -30.07 14.21 24.31
N LEU A 303 -29.61 13.98 25.54
CA LEU A 303 -28.20 14.13 25.85
C LEU A 303 -27.33 13.24 24.96
N ALA A 304 -27.87 12.10 24.52
CA ALA A 304 -27.13 11.22 23.63
C ALA A 304 -27.01 11.81 22.24
N VAL A 305 -28.12 12.27 21.67
CA VAL A 305 -28.06 12.83 20.32
C VAL A 305 -27.34 14.16 20.29
N ALA A 306 -27.25 14.86 21.42
CA ALA A 306 -26.51 16.12 21.45
C ALA A 306 -25.02 15.89 21.32
N ALA A 307 -24.50 14.89 22.02
CA ALA A 307 -23.05 14.62 22.00
C ALA A 307 -22.63 13.89 20.72
N ILE A 308 -23.42 12.92 20.29
CA ILE A 308 -23.04 12.15 19.09
C ILE A 308 -22.99 13.09 17.90
N PRO A 309 -21.88 13.13 17.14
CA PRO A 309 -21.81 13.94 15.91
C PRO A 309 -22.41 13.20 14.71
N GLU A 310 -23.63 12.70 14.86
CA GLU A 310 -24.28 11.95 13.79
C GLU A 310 -24.21 12.74 12.48
N GLY A 311 -23.96 12.03 11.38
CA GLY A 311 -23.77 12.66 10.09
C GLY A 311 -22.34 13.03 9.77
N LEU A 312 -21.48 13.16 10.78
CA LEU A 312 -20.04 13.23 10.54
C LEU A 312 -19.54 12.09 9.68
N PRO A 313 -19.87 10.82 9.96
CA PRO A 313 -19.43 9.76 9.04
C PRO A 313 -19.92 9.97 7.62
N ALA A 314 -21.12 10.52 7.44
CA ALA A 314 -21.57 10.86 6.10
C ALA A 314 -20.68 11.93 5.50
N VAL A 315 -20.24 12.90 6.31
CA VAL A 315 -19.36 13.96 5.80
C VAL A 315 -18.01 13.38 5.41
N ILE A 316 -17.36 12.66 6.33
CA ILE A 316 -16.02 12.15 6.05
C ILE A 316 -16.04 11.19 4.87
N THR A 317 -17.15 10.48 4.66
CA THR A 317 -17.19 9.48 3.60
C THR A 317 -17.27 10.12 2.22
N THR A 318 -18.12 11.15 2.08
CA THR A 318 -18.12 11.89 0.83
C THR A 318 -16.80 12.63 0.63
N CYS A 319 -16.16 13.05 1.72
CA CYS A 319 -14.86 13.70 1.61
C CYS A 319 -13.82 12.75 1.02
N LEU A 320 -13.77 11.52 1.54
CA LEU A 320 -12.79 10.56 1.09
C LEU A 320 -13.04 10.14 -0.36
N ALA A 321 -14.31 9.95 -0.73
CA ALA A 321 -14.62 9.51 -2.08
C ALA A 321 -14.12 10.52 -3.12
N LEU A 322 -14.20 11.81 -2.80
CA LEU A 322 -13.68 12.82 -3.71
C LEU A 322 -12.17 12.73 -3.83
N GLY A 323 -11.47 12.67 -2.70
CA GLY A 323 -10.03 12.46 -2.75
C GLY A 323 -9.65 11.24 -3.56
N THR A 324 -10.42 10.16 -3.43
CA THR A 324 -10.20 8.98 -4.26
C THR A 324 -10.18 9.36 -5.73
N ARG A 325 -11.15 10.19 -6.16
CA ARG A 325 -11.21 10.62 -7.55
C ARG A 325 -9.99 11.46 -7.91
N ARG A 326 -9.64 12.42 -7.06
CA ARG A 326 -8.49 13.28 -7.35
C ARG A 326 -7.23 12.46 -7.47
N MET A 327 -6.99 11.56 -6.51
CA MET A 327 -5.80 10.73 -6.58
C MET A 327 -5.85 9.78 -7.77
N ALA A 328 -7.06 9.37 -8.18
CA ALA A 328 -7.17 8.55 -9.38
C ALA A 328 -6.79 9.32 -10.63
N LYS A 329 -6.87 10.66 -10.60
CA LYS A 329 -6.38 11.47 -11.71
C LYS A 329 -4.86 11.57 -11.71
N LYS A 330 -4.25 11.54 -10.53
CA LYS A 330 -2.80 11.48 -10.41
C LYS A 330 -2.28 10.06 -10.52
N ASN A 331 -3.09 9.16 -11.10
CA ASN A 331 -2.71 7.77 -11.38
C ASN A 331 -2.51 6.96 -10.11
N ALA A 332 -3.12 7.38 -9.01
CA ALA A 332 -3.11 6.64 -7.75
C ALA A 332 -4.51 6.05 -7.56
N ILE A 333 -4.65 4.76 -7.80
CA ILE A 333 -5.93 4.09 -7.70
C ILE A 333 -6.04 3.53 -6.29
N VAL A 334 -6.97 4.09 -5.52
CA VAL A 334 -7.10 3.81 -4.09
C VAL A 334 -8.28 2.87 -3.88
N ARG A 335 -7.99 1.67 -3.39
CA ARG A 335 -9.03 0.65 -3.26
C ARG A 335 -9.79 0.77 -1.95
N SER A 336 -9.14 1.22 -0.89
CA SER A 336 -9.77 1.39 0.42
C SER A 336 -9.96 2.88 0.69
N LEU A 337 -11.19 3.28 0.98
CA LEU A 337 -11.47 4.69 1.25
C LEU A 337 -10.71 5.24 2.44
N PRO A 338 -10.67 4.59 3.61
CA PRO A 338 -9.98 5.21 4.75
C PRO A 338 -8.49 5.43 4.55
N SER A 339 -7.82 4.60 3.74
CA SER A 339 -6.40 4.79 3.53
C SER A 339 -6.07 6.08 2.80
N VAL A 340 -7.09 6.81 2.34
CA VAL A 340 -6.85 8.12 1.72
C VAL A 340 -6.24 9.08 2.74
N GLU A 341 -6.76 9.07 3.96
CA GLU A 341 -6.24 9.97 4.99
C GLU A 341 -4.94 9.45 5.59
N THR A 342 -4.93 8.18 6.01
CA THR A 342 -3.73 7.59 6.61
C THR A 342 -2.50 7.81 5.74
N LEU A 343 -2.69 8.03 4.44
CA LEU A 343 -1.58 8.25 3.55
C LEU A 343 -0.87 9.57 3.84
N GLY A 344 -1.58 10.54 4.40
CA GLY A 344 -0.99 11.85 4.64
C GLY A 344 0.06 11.86 5.74
N CYS A 345 -0.09 10.99 6.73
CA CYS A 345 0.83 10.91 7.85
C CYS A 345 1.83 9.78 7.69
N THR A 346 2.09 9.36 6.46
CA THR A 346 3.10 8.34 6.22
C THR A 346 4.45 8.82 6.74
N SER A 347 5.02 8.06 7.66
CA SER A 347 6.33 8.41 8.22
C SER A 347 7.47 7.77 7.43
N VAL A 348 7.28 6.54 6.94
CA VAL A 348 8.34 5.74 6.35
C VAL A 348 7.76 4.90 5.22
N ILE A 349 8.31 5.07 4.01
CA ILE A 349 7.93 4.25 2.87
C ILE A 349 8.95 3.14 2.72
N CYS A 350 8.50 1.88 2.85
CA CYS A 350 9.30 0.73 2.48
C CYS A 350 9.08 0.38 1.03
N SER A 351 10.13 -0.09 0.36
CA SER A 351 10.02 -0.32 -1.07
C SER A 351 10.88 -1.49 -1.53
N ASP A 352 10.26 -2.34 -2.34
CA ASP A 352 10.91 -3.39 -3.09
C ASP A 352 11.85 -2.76 -4.13
N LYS A 353 12.81 -3.56 -4.62
CA LYS A 353 13.71 -3.00 -5.62
C LYS A 353 13.30 -3.43 -7.02
N THR A 354 13.54 -4.69 -7.36
CA THR A 354 13.28 -5.21 -8.70
C THR A 354 11.82 -5.10 -9.08
N GLY A 355 11.52 -4.32 -10.11
CA GLY A 355 10.16 -4.15 -10.58
C GLY A 355 9.41 -3.00 -9.93
N THR A 356 9.89 -2.53 -8.79
CA THR A 356 9.30 -1.39 -8.11
C THR A 356 10.17 -0.17 -8.39
N LEU A 357 11.36 -0.14 -7.79
CA LEU A 357 12.32 0.93 -8.03
C LEU A 357 13.04 0.74 -9.36
N THR A 358 13.13 -0.49 -9.86
CA THR A 358 13.81 -0.77 -11.11
C THR A 358 12.84 -1.28 -12.15
N THR A 359 13.19 -1.09 -13.42
CA THR A 359 12.37 -1.51 -14.53
C THR A 359 12.28 -3.03 -14.67
N ASN A 360 13.08 -3.79 -13.92
CA ASN A 360 13.10 -5.25 -14.00
C ASN A 360 13.36 -5.73 -15.42
N GLN A 361 14.20 -4.99 -16.14
CA GLN A 361 14.62 -5.36 -17.50
C GLN A 361 16.14 -5.23 -17.55
N MET A 362 16.82 -6.37 -17.68
CA MET A 362 18.27 -6.40 -17.62
C MET A 362 18.87 -5.55 -18.74
N SER A 363 19.83 -4.71 -18.39
CA SER A 363 20.44 -3.80 -19.34
C SER A 363 21.96 -3.90 -19.28
N VAL A 364 22.60 -3.81 -20.44
CA VAL A 364 24.06 -3.76 -20.52
C VAL A 364 24.47 -2.30 -20.41
N CYS A 365 25.04 -1.93 -19.26
CA CYS A 365 25.46 -0.55 -19.04
C CYS A 365 26.75 -0.23 -19.79
N LYS A 366 27.76 -1.10 -19.64
CA LYS A 366 29.09 -0.86 -20.15
C LYS A 366 29.56 -2.05 -20.98
N MET A 367 30.56 -1.81 -21.81
CA MET A 367 31.25 -2.84 -22.57
C MET A 367 32.64 -2.31 -22.89
N PHE A 368 33.61 -3.22 -22.99
CA PHE A 368 34.93 -2.80 -23.42
C PHE A 368 35.56 -3.86 -24.30
N ILE A 369 36.43 -3.39 -25.20
CA ILE A 369 37.29 -4.23 -25.99
C ILE A 369 38.73 -3.77 -25.77
N ILE A 370 39.66 -4.52 -26.34
CA ILE A 370 41.05 -4.12 -26.30
C ILE A 370 41.28 -2.95 -27.25
N ASP A 371 42.18 -2.05 -26.87
CA ASP A 371 42.56 -0.93 -27.72
C ASP A 371 43.95 -1.11 -28.29
N LYS A 372 44.95 -1.32 -27.44
CA LYS A 372 46.34 -1.43 -27.87
C LYS A 372 47.06 -2.39 -26.94
N VAL A 373 48.00 -3.14 -27.51
CA VAL A 373 48.87 -4.02 -26.74
C VAL A 373 50.28 -3.83 -27.29
N ASP A 374 51.14 -3.17 -26.52
CA ASP A 374 52.54 -3.00 -26.87
C ASP A 374 53.36 -3.41 -25.63
N GLY A 375 53.84 -4.64 -25.61
CA GLY A 375 54.58 -5.13 -24.46
C GLY A 375 53.71 -5.14 -23.21
N ASP A 376 54.28 -4.63 -22.11
CA ASP A 376 53.61 -4.61 -20.82
C ASP A 376 52.49 -3.59 -20.75
N PHE A 377 52.26 -2.81 -21.81
CA PHE A 377 51.19 -1.82 -21.81
C PHE A 377 49.96 -2.37 -22.49
N CYS A 378 48.81 -2.21 -21.84
CA CYS A 378 47.53 -2.59 -22.41
C CYS A 378 46.53 -1.47 -22.17
N SER A 379 45.74 -1.17 -23.20
CA SER A 379 44.67 -0.18 -23.11
C SER A 379 43.39 -0.79 -23.65
N LEU A 380 42.27 -0.23 -23.20
CA LEU A 380 40.96 -0.74 -23.59
C LEU A 380 40.12 0.40 -24.15
N ASN A 381 39.20 0.03 -25.03
CA ASN A 381 38.16 0.94 -25.49
C ASN A 381 36.92 0.63 -24.67
N GLU A 382 36.68 1.43 -23.64
CA GLU A 382 35.50 1.26 -22.81
C GLU A 382 34.37 2.10 -23.37
N PHE A 383 33.18 1.52 -23.43
CA PHE A 383 32.00 2.21 -23.91
C PHE A 383 30.90 2.10 -22.88
N SER A 384 29.90 2.97 -23.02
CA SER A 384 28.68 2.86 -22.24
C SER A 384 27.50 2.93 -23.20
N ILE A 385 26.35 2.49 -22.72
CA ILE A 385 25.16 2.31 -23.53
C ILE A 385 23.96 2.80 -22.75
N THR A 386 23.16 3.66 -23.35
CA THR A 386 21.99 4.22 -22.67
C THR A 386 20.73 3.40 -22.95
N GLY A 387 19.69 3.66 -22.18
CA GLY A 387 18.48 2.87 -22.26
C GLY A 387 18.31 1.94 -21.06
N SER A 388 17.16 2.03 -20.39
CA SER A 388 16.91 1.29 -19.16
C SER A 388 15.89 0.16 -19.35
N THR A 389 15.59 -0.22 -20.59
CA THR A 389 14.55 -1.21 -20.87
C THR A 389 15.02 -2.16 -21.96
N TYR A 390 14.18 -3.15 -22.27
CA TYR A 390 14.47 -4.11 -23.32
C TYR A 390 14.30 -3.54 -24.72
N ALA A 391 13.74 -2.34 -24.86
CA ALA A 391 13.58 -1.76 -26.18
C ALA A 391 14.94 -1.50 -26.80
N PRO A 392 15.05 -1.62 -28.14
CA PRO A 392 16.27 -1.27 -28.87
C PRO A 392 16.47 0.24 -29.00
N GLU A 393 16.25 0.95 -27.89
CA GLU A 393 16.28 2.40 -27.85
C GLU A 393 17.37 2.84 -26.88
N GLY A 394 18.10 3.87 -27.27
CA GLY A 394 19.33 4.25 -26.58
C GLY A 394 20.52 4.11 -27.52
N GLU A 395 21.60 4.85 -27.25
CA GLU A 395 22.77 4.82 -28.12
C GLU A 395 24.01 4.45 -27.33
N VAL A 396 25.00 3.96 -28.07
CA VAL A 396 26.33 3.72 -27.53
C VAL A 396 27.11 5.03 -27.58
N LEU A 397 28.00 5.22 -26.60
CA LEU A 397 28.81 6.42 -26.56
C LEU A 397 30.17 6.10 -25.94
N LYS A 398 31.17 6.90 -26.27
CA LYS A 398 32.51 6.76 -25.72
C LYS A 398 32.94 8.10 -25.13
N ASN A 399 33.24 8.11 -23.85
CA ASN A 399 33.52 9.34 -23.10
C ASN A 399 32.36 10.33 -23.23
N ASP A 400 31.16 9.84 -22.92
CA ASP A 400 29.94 10.65 -22.87
C ASP A 400 29.60 11.31 -24.19
N LYS A 401 30.17 10.82 -25.29
CA LYS A 401 29.84 11.32 -26.63
C LYS A 401 29.33 10.16 -27.49
N PRO A 402 28.16 10.28 -28.12
CA PRO A 402 27.61 9.18 -28.91
C PRO A 402 28.56 8.74 -30.01
N ILE A 403 28.47 7.46 -30.36
CA ILE A 403 29.46 6.80 -31.20
C ILE A 403 28.77 5.70 -31.98
N ARG A 404 29.28 5.42 -33.17
CA ARG A 404 28.79 4.31 -33.98
C ARG A 404 29.78 3.17 -33.89
N SER A 405 29.28 1.99 -33.52
CA SER A 405 30.14 0.87 -33.18
C SER A 405 30.78 0.23 -34.41
N GLY A 406 30.20 0.42 -35.59
CA GLY A 406 30.74 -0.20 -36.79
C GLY A 406 32.19 0.15 -37.05
N GLN A 407 32.63 1.33 -36.59
CA GLN A 407 34.01 1.75 -36.80
C GLN A 407 34.99 1.02 -35.89
N PHE A 408 34.51 0.27 -34.92
CA PHE A 408 35.38 -0.54 -34.06
C PHE A 408 35.25 -2.00 -34.46
N ASP A 409 36.29 -2.53 -35.09
CA ASP A 409 36.28 -3.95 -35.46
C ASP A 409 36.09 -4.84 -34.24
N GLY A 410 36.63 -4.43 -33.08
CA GLY A 410 36.42 -5.20 -31.88
C GLY A 410 34.96 -5.24 -31.46
N LEU A 411 34.23 -4.13 -31.66
CA LEU A 411 32.83 -4.10 -31.29
C LEU A 411 31.97 -4.92 -32.25
N VAL A 412 32.38 -5.03 -33.51
CA VAL A 412 31.61 -5.85 -34.44
C VAL A 412 31.59 -7.30 -33.98
N GLU A 413 32.75 -7.82 -33.58
CA GLU A 413 32.81 -9.20 -33.14
C GLU A 413 32.13 -9.40 -31.80
N LEU A 414 32.16 -8.36 -30.95
CA LEU A 414 31.43 -8.43 -29.69
C LEU A 414 29.94 -8.56 -29.93
N ALA A 415 29.40 -7.75 -30.85
CA ALA A 415 27.99 -7.87 -31.20
C ALA A 415 27.69 -9.24 -31.81
N THR A 416 28.61 -9.75 -32.64
CA THR A 416 28.38 -11.03 -33.29
C THR A 416 28.29 -12.17 -32.28
N ILE A 417 29.12 -12.12 -31.22
CA ILE A 417 29.02 -13.16 -30.19
C ILE A 417 27.75 -12.99 -29.37
N CYS A 418 27.38 -11.74 -29.07
CA CYS A 418 26.18 -11.52 -28.26
C CYS A 418 24.92 -11.90 -29.00
N ALA A 419 24.95 -11.90 -30.34
CA ALA A 419 23.77 -12.25 -31.12
C ALA A 419 23.69 -13.73 -31.42
N LEU A 420 24.82 -14.42 -31.50
CA LEU A 420 24.88 -15.83 -31.91
C LEU A 420 24.96 -16.78 -30.73
N CYS A 421 25.77 -16.45 -29.73
CA CYS A 421 25.85 -17.24 -28.50
C CYS A 421 24.75 -16.76 -27.57
N ASN A 422 23.52 -17.16 -27.91
CA ASN A 422 22.30 -16.56 -27.34
C ASN A 422 21.07 -17.37 -27.71
N ASP A 423 20.41 -17.96 -26.72
CA ASP A 423 19.19 -18.74 -26.93
C ASP A 423 17.93 -17.90 -26.80
N SER A 424 18.05 -16.58 -26.87
CA SER A 424 16.93 -15.72 -26.52
C SER A 424 16.73 -14.66 -27.59
N SER A 425 15.52 -14.10 -27.58
CA SER A 425 15.11 -13.11 -28.55
C SER A 425 14.23 -12.09 -27.86
N LEU A 426 13.87 -11.06 -28.62
CA LEU A 426 13.15 -9.89 -28.12
C LEU A 426 11.86 -9.77 -28.91
N ASP A 427 10.74 -9.84 -28.22
CA ASP A 427 9.42 -9.72 -28.83
C ASP A 427 8.83 -8.37 -28.50
N PHE A 428 8.25 -7.72 -29.50
CA PHE A 428 7.44 -6.53 -29.25
C PHE A 428 6.00 -6.97 -29.05
N ASN A 429 5.55 -6.96 -27.79
CA ASN A 429 4.14 -7.18 -27.48
C ASN A 429 3.34 -6.01 -28.04
N GLU A 430 2.53 -6.29 -29.06
CA GLU A 430 1.79 -5.20 -29.69
C GLU A 430 0.60 -4.77 -28.86
N THR A 431 0.06 -5.68 -28.04
CA THR A 431 -1.08 -5.35 -27.21
C THR A 431 -0.68 -4.39 -26.09
N LYS A 432 0.44 -4.65 -25.42
CA LYS A 432 0.94 -3.75 -24.40
C LYS A 432 1.70 -2.56 -24.98
N GLY A 433 2.08 -2.62 -26.25
CA GLY A 433 2.84 -1.55 -26.85
C GLY A 433 4.26 -1.42 -26.35
N VAL A 434 4.82 -2.47 -25.77
CA VAL A 434 6.16 -2.43 -25.18
C VAL A 434 6.88 -3.72 -25.53
N TYR A 435 8.19 -3.61 -25.77
CA TYR A 435 8.98 -4.79 -26.08
C TYR A 435 9.10 -5.67 -24.85
N GLU A 436 8.99 -6.98 -25.05
CA GLU A 436 9.10 -7.95 -23.99
C GLU A 436 10.19 -8.96 -24.33
N LYS A 437 10.68 -9.66 -23.32
CA LYS A 437 11.76 -10.60 -23.53
C LYS A 437 11.22 -11.98 -23.86
N VAL A 438 12.07 -12.77 -24.51
CA VAL A 438 11.79 -14.14 -24.90
C VAL A 438 12.99 -14.95 -24.45
N GLY A 439 12.82 -15.74 -23.39
CA GLY A 439 13.95 -16.45 -22.85
C GLY A 439 14.57 -15.74 -21.66
N GLU A 440 15.88 -15.91 -21.47
CA GLU A 440 16.52 -15.43 -20.25
C GLU A 440 16.73 -13.92 -20.32
N ALA A 441 16.42 -13.25 -19.21
CA ALA A 441 16.67 -11.81 -19.11
C ALA A 441 18.13 -11.48 -19.38
N THR A 442 19.04 -12.23 -18.75
CA THR A 442 20.47 -12.04 -18.97
C THR A 442 20.80 -12.03 -20.45
N GLU A 443 20.27 -13.00 -21.20
CA GLU A 443 20.58 -13.12 -22.61
C GLU A 443 19.83 -12.08 -23.44
N THR A 444 18.57 -11.80 -23.09
CA THR A 444 17.85 -10.75 -23.78
C THR A 444 18.58 -9.43 -23.68
N ALA A 445 19.20 -9.15 -22.53
CA ALA A 445 20.05 -7.98 -22.41
C ALA A 445 21.06 -7.93 -23.56
N LEU A 446 21.62 -9.07 -23.94
CA LEU A 446 22.57 -9.09 -25.06
C LEU A 446 21.85 -8.81 -26.38
N THR A 447 20.67 -9.40 -26.55
CA THR A 447 19.86 -9.14 -27.74
C THR A 447 19.54 -7.66 -27.89
N THR A 448 18.92 -7.08 -26.87
CA THR A 448 18.60 -5.66 -26.89
C THR A 448 19.87 -4.82 -27.04
N LEU A 449 21.03 -5.39 -26.69
CA LEU A 449 22.28 -4.66 -26.82
C LEU A 449 22.66 -4.48 -28.27
N VAL A 450 22.85 -5.58 -28.99
CA VAL A 450 23.30 -5.51 -30.38
C VAL A 450 22.31 -4.78 -31.27
N GLU A 451 21.08 -4.57 -30.79
CA GLU A 451 20.15 -3.73 -31.52
C GLU A 451 20.53 -2.27 -31.41
N LYS A 452 20.94 -1.84 -30.22
CA LYS A 452 21.42 -0.47 -30.06
C LYS A 452 22.73 -0.26 -30.82
N MET A 453 23.60 -1.27 -30.82
CA MET A 453 24.94 -1.10 -31.39
C MET A 453 24.89 -0.84 -32.90
N ASN A 454 24.15 -1.65 -33.64
CA ASN A 454 24.00 -1.51 -35.09
C ASN A 454 25.37 -1.47 -35.77
N VAL A 455 26.12 -2.55 -35.60
CA VAL A 455 27.49 -2.62 -36.04
C VAL A 455 27.62 -2.56 -37.56
N PHE A 456 26.58 -2.95 -38.29
CA PHE A 456 26.63 -2.94 -39.75
C PHE A 456 25.89 -1.74 -40.34
N ASN A 457 25.42 -0.82 -39.49
CA ASN A 457 24.76 0.40 -39.91
C ASN A 457 23.56 0.08 -40.80
N THR A 458 22.82 -0.96 -40.43
CA THR A 458 21.54 -1.23 -41.06
C THR A 458 20.62 -0.04 -40.88
N GLU A 459 19.81 0.24 -41.90
CA GLU A 459 18.80 1.29 -41.81
C GLU A 459 17.63 0.74 -40.99
N VAL A 460 17.43 1.30 -39.80
CA VAL A 460 16.46 0.75 -38.86
C VAL A 460 15.53 1.85 -38.37
N ARG A 461 15.66 3.04 -38.95
CA ARG A 461 14.88 4.17 -38.47
C ARG A 461 13.41 4.02 -38.83
N ASN A 462 13.12 3.66 -40.08
CA ASN A 462 11.77 3.60 -40.60
C ASN A 462 11.21 2.19 -40.60
N LEU A 463 11.77 1.30 -39.79
CA LEU A 463 11.18 -0.03 -39.65
C LEU A 463 9.93 0.04 -38.78
N SER A 464 9.12 -1.01 -38.88
CA SER A 464 8.01 -1.15 -37.95
C SER A 464 8.55 -1.43 -36.57
N LYS A 465 7.90 -0.85 -35.56
CA LYS A 465 8.24 -1.13 -34.17
C LYS A 465 8.20 -2.63 -33.88
N VAL A 466 7.42 -3.38 -34.65
CA VAL A 466 7.25 -4.81 -34.40
C VAL A 466 8.46 -5.60 -34.88
N GLU A 467 8.98 -5.24 -36.04
CA GLU A 467 10.15 -5.91 -36.60
C GLU A 467 11.43 -5.11 -36.41
N ARG A 468 11.36 -4.01 -35.65
CA ARG A 468 12.55 -3.39 -35.09
C ARG A 468 13.17 -4.28 -34.02
N ALA A 469 12.36 -5.15 -33.41
CA ALA A 469 12.80 -5.93 -32.26
C ALA A 469 14.11 -6.65 -32.55
N ASN A 470 14.11 -7.53 -33.55
CA ASN A 470 15.26 -8.38 -33.83
C ASN A 470 15.97 -8.00 -35.12
N ALA A 471 15.87 -6.74 -35.53
CA ALA A 471 16.30 -6.35 -36.87
C ALA A 471 17.81 -6.50 -37.03
N CYS A 472 18.58 -6.05 -36.04
CA CYS A 472 20.03 -6.06 -36.15
C CYS A 472 20.62 -7.43 -35.85
N ASN A 473 19.99 -8.20 -34.95
CA ASN A 473 20.40 -9.57 -34.72
C ASN A 473 20.29 -10.40 -36.00
N SER A 474 19.16 -10.25 -36.70
CA SER A 474 18.93 -11.03 -37.91
C SER A 474 20.05 -10.86 -38.92
N VAL A 475 20.63 -9.66 -39.00
CA VAL A 475 21.72 -9.42 -39.94
C VAL A 475 22.93 -10.29 -39.57
N ILE A 476 23.19 -10.44 -38.28
CA ILE A 476 24.31 -11.27 -37.84
C ILE A 476 24.02 -12.74 -38.14
N ARG A 477 22.80 -13.19 -37.87
CA ARG A 477 22.43 -14.56 -38.20
C ARG A 477 22.66 -14.86 -39.68
N GLN A 478 22.63 -13.83 -40.53
CA GLN A 478 22.93 -14.03 -41.95
C GLN A 478 24.41 -14.33 -42.17
N LEU A 479 25.28 -13.65 -41.43
CA LEU A 479 26.72 -13.75 -41.68
C LEU A 479 27.28 -15.11 -41.27
N MET A 480 26.68 -15.77 -40.28
CA MET A 480 27.18 -17.05 -39.78
C MET A 480 26.02 -17.97 -39.43
N LYS A 481 26.05 -19.19 -39.96
CA LYS A 481 25.06 -20.21 -39.65
C LYS A 481 25.47 -20.96 -38.39
N LYS A 482 24.64 -20.87 -37.35
CA LYS A 482 24.88 -21.60 -36.11
C LYS A 482 24.55 -23.07 -36.31
N GLU A 483 25.55 -23.93 -36.09
CA GLU A 483 25.47 -25.36 -36.39
C GLU A 483 24.94 -26.19 -35.21
N PHE A 484 25.53 -26.02 -34.03
CA PHE A 484 25.07 -26.67 -32.81
C PHE A 484 25.52 -25.81 -31.63
N THR A 485 25.01 -26.14 -30.45
CA THR A 485 25.27 -25.37 -29.24
C THR A 485 25.80 -26.27 -28.13
N LEU A 486 26.91 -25.87 -27.51
CA LEU A 486 27.41 -26.51 -26.30
C LEU A 486 26.75 -25.79 -25.11
N GLU A 487 25.73 -26.42 -24.54
CA GLU A 487 24.90 -25.73 -23.55
C GLU A 487 25.70 -25.38 -22.31
N PHE A 488 25.18 -24.43 -21.54
CA PHE A 488 25.84 -24.00 -20.31
C PHE A 488 25.92 -25.16 -19.33
N SER A 489 27.03 -25.23 -18.60
CA SER A 489 27.22 -26.27 -17.59
C SER A 489 27.88 -25.65 -16.37
N ARG A 490 27.52 -26.19 -15.19
CA ARG A 490 28.01 -25.60 -13.95
C ARG A 490 29.52 -25.77 -13.77
N ASP A 491 30.12 -26.78 -14.39
CA ASP A 491 31.54 -27.04 -14.18
C ASP A 491 32.42 -25.97 -14.82
N ARG A 492 31.97 -25.39 -15.93
CA ARG A 492 32.76 -24.41 -16.69
C ARG A 492 32.20 -22.99 -16.69
N LYS A 493 30.97 -22.83 -16.23
CA LYS A 493 30.29 -21.53 -16.17
C LYS A 493 30.37 -20.77 -17.49
N SER A 494 30.23 -21.48 -18.60
CA SER A 494 30.13 -20.84 -19.92
C SER A 494 29.36 -21.72 -20.87
N MET A 495 29.06 -21.14 -22.04
CA MET A 495 28.42 -21.84 -23.15
C MET A 495 29.02 -21.32 -24.44
N SER A 496 28.87 -22.11 -25.50
CA SER A 496 29.48 -21.73 -26.77
C SER A 496 28.63 -22.22 -27.93
N VAL A 497 28.96 -21.72 -29.12
CA VAL A 497 28.14 -21.86 -30.32
C VAL A 497 29.06 -22.05 -31.52
N TYR A 498 28.90 -23.17 -32.24
CA TYR A 498 29.68 -23.49 -33.43
C TYR A 498 29.01 -22.88 -34.65
N CYS A 499 29.81 -22.28 -35.54
CA CYS A 499 29.25 -21.60 -36.69
C CYS A 499 30.10 -21.79 -37.94
N SER A 500 29.47 -21.54 -39.09
CA SER A 500 30.02 -21.60 -40.43
C SER A 500 29.57 -20.38 -41.22
N PRO A 501 30.36 -19.95 -42.20
CA PRO A 501 30.04 -18.69 -42.91
C PRO A 501 28.87 -18.79 -43.89
N ALA A 502 28.93 -19.74 -44.82
CA ALA A 502 27.84 -20.09 -45.75
C ALA A 502 27.62 -19.12 -46.90
N LYS A 503 28.64 -18.40 -47.36
CA LYS A 503 28.41 -17.54 -48.53
C LYS A 503 29.53 -17.60 -49.56
N SER A 504 30.62 -16.87 -49.31
CA SER A 504 31.60 -16.53 -50.34
C SER A 504 32.04 -17.74 -51.17
N SER A 505 32.70 -18.71 -50.52
CA SER A 505 33.12 -19.94 -51.19
C SER A 505 32.87 -21.11 -50.23
N ARG A 506 31.60 -21.46 -50.05
CA ARG A 506 31.17 -22.57 -49.18
C ARG A 506 31.62 -22.25 -47.75
N ALA A 507 32.16 -23.22 -47.01
CA ALA A 507 32.71 -22.98 -45.69
C ALA A 507 34.23 -22.82 -45.72
N ALA A 508 34.79 -22.49 -46.89
CA ALA A 508 36.23 -22.24 -47.02
C ALA A 508 36.66 -20.90 -46.45
N VAL A 509 35.81 -20.25 -45.66
CA VAL A 509 36.19 -19.04 -44.95
C VAL A 509 36.60 -19.34 -43.50
N GLY A 510 36.18 -20.47 -42.94
CA GLY A 510 36.62 -20.89 -41.62
C GLY A 510 35.48 -20.98 -40.63
N ASN A 511 35.36 -22.13 -39.98
CA ASN A 511 34.40 -22.28 -38.91
C ASN A 511 34.95 -21.64 -37.63
N LYS A 512 34.03 -21.23 -36.76
CA LYS A 512 34.37 -20.48 -35.56
C LYS A 512 33.40 -20.86 -34.45
N MET A 513 33.90 -20.83 -33.22
CA MET A 513 33.09 -21.01 -32.02
C MET A 513 33.01 -19.69 -31.28
N PHE A 514 31.81 -19.36 -30.79
CA PHE A 514 31.59 -18.13 -30.03
C PHE A 514 31.20 -18.48 -28.61
N VAL A 515 31.85 -17.82 -27.65
CA VAL A 515 31.84 -18.21 -26.25
C VAL A 515 31.45 -17.03 -25.39
N LYS A 516 30.60 -17.27 -24.40
CA LYS A 516 30.34 -16.29 -23.36
C LYS A 516 30.27 -17.01 -22.03
N GLY A 517 30.57 -16.29 -20.96
CA GLY A 517 30.47 -16.88 -19.64
C GLY A 517 31.07 -15.99 -18.58
N ALA A 518 31.20 -16.58 -17.39
CA ALA A 518 31.84 -15.90 -16.29
C ALA A 518 33.25 -15.48 -16.69
N PRO A 519 33.65 -14.23 -16.41
CA PRO A 519 34.95 -13.74 -16.89
C PRO A 519 36.14 -14.60 -16.51
N GLU A 520 36.33 -14.93 -15.22
CA GLU A 520 37.56 -15.62 -14.83
C GLU A 520 37.77 -16.88 -15.65
N GLY A 521 36.79 -17.80 -15.62
CA GLY A 521 36.94 -19.06 -16.32
C GLY A 521 37.07 -18.91 -17.83
N VAL A 522 36.34 -17.96 -18.41
CA VAL A 522 36.42 -17.78 -19.86
C VAL A 522 37.77 -17.22 -20.26
N ILE A 523 38.27 -16.23 -19.51
CA ILE A 523 39.54 -15.60 -19.84
C ILE A 523 40.69 -16.58 -19.70
N ASP A 524 40.66 -17.42 -18.67
CA ASP A 524 41.75 -18.36 -18.43
C ASP A 524 41.95 -19.30 -19.61
N ARG A 525 40.89 -19.57 -20.37
CA ARG A 525 40.96 -20.39 -21.56
C ARG A 525 41.20 -19.57 -22.82
N CYS A 526 41.66 -18.34 -22.69
CA CYS A 526 42.04 -17.50 -23.81
C CYS A 526 43.56 -17.45 -23.91
N ASN A 527 44.11 -17.93 -25.02
CA ASN A 527 45.53 -17.81 -25.25
C ASN A 527 45.90 -16.61 -26.10
N TYR A 528 44.92 -16.01 -26.78
CA TYR A 528 45.16 -14.83 -27.59
C TYR A 528 44.14 -13.77 -27.21
N VAL A 529 44.34 -12.59 -27.78
CA VAL A 529 43.50 -11.42 -27.52
C VAL A 529 43.25 -10.75 -28.86
N ARG A 530 42.03 -10.29 -29.09
CA ARG A 530 41.73 -9.64 -30.36
C ARG A 530 41.87 -8.12 -30.24
N VAL A 531 42.69 -7.54 -31.10
CA VAL A 531 42.87 -6.10 -31.18
C VAL A 531 42.31 -5.66 -32.53
N GLY A 532 41.07 -5.19 -32.54
CA GLY A 532 40.40 -4.89 -33.79
C GLY A 532 40.21 -6.15 -34.60
N THR A 533 40.98 -6.29 -35.68
CA THR A 533 40.94 -7.49 -36.50
C THR A 533 42.05 -8.47 -36.15
N THR A 534 43.21 -7.97 -35.79
CA THR A 534 44.36 -8.81 -35.50
C THR A 534 44.22 -9.46 -34.13
N ARG A 535 45.00 -10.52 -33.92
CA ARG A 535 45.09 -11.16 -32.62
C ARG A 535 46.54 -11.17 -32.17
N VAL A 536 46.73 -11.07 -30.86
CA VAL A 536 48.05 -11.13 -30.24
C VAL A 536 47.96 -12.12 -29.08
N PRO A 537 49.09 -12.64 -28.62
CA PRO A 537 49.05 -13.58 -27.50
C PRO A 537 48.67 -12.90 -26.20
N MET A 538 47.82 -13.58 -25.43
CA MET A 538 47.50 -13.13 -24.09
C MET A 538 48.73 -13.20 -23.20
N THR A 539 49.04 -12.08 -22.54
CA THR A 539 50.17 -12.01 -21.63
C THR A 539 49.71 -11.53 -20.26
N GLY A 540 50.61 -11.68 -19.30
CA GLY A 540 50.38 -11.26 -17.93
C GLY A 540 49.85 -9.85 -17.82
N PRO A 541 50.58 -8.88 -18.39
CA PRO A 541 50.09 -7.49 -18.35
C PRO A 541 48.74 -7.31 -19.01
N VAL A 542 48.48 -8.00 -20.12
CA VAL A 542 47.23 -7.83 -20.85
C VAL A 542 46.06 -8.31 -20.02
N LYS A 543 46.14 -9.53 -19.50
CA LYS A 543 44.97 -10.08 -18.81
C LYS A 543 44.71 -9.36 -17.51
N GLU A 544 45.76 -8.89 -16.83
CA GLU A 544 45.55 -8.12 -15.62
C GLU A 544 44.80 -6.83 -15.89
N LYS A 545 45.13 -6.17 -17.01
CA LYS A 545 44.37 -4.99 -17.43
C LYS A 545 42.91 -5.36 -17.66
N ILE A 546 42.68 -6.51 -18.27
CA ILE A 546 41.33 -6.97 -18.52
C ILE A 546 40.59 -7.23 -17.21
N LEU A 547 41.16 -8.11 -16.38
CA LEU A 547 40.56 -8.43 -15.09
C LEU A 547 40.31 -7.17 -14.28
N SER A 548 41.31 -6.30 -14.21
CA SER A 548 41.20 -5.06 -13.44
C SER A 548 39.88 -4.35 -13.68
N VAL A 549 39.63 -3.98 -14.93
CA VAL A 549 38.42 -3.22 -15.24
C VAL A 549 37.17 -4.06 -15.00
N ILE A 550 37.28 -5.39 -15.13
CA ILE A 550 36.16 -6.24 -14.75
C ILE A 550 35.87 -6.09 -13.26
N LYS A 551 36.90 -6.25 -12.42
CA LYS A 551 36.72 -6.08 -10.99
C LYS A 551 36.09 -4.72 -10.66
N GLU A 552 36.58 -3.65 -11.29
CA GLU A 552 36.03 -2.32 -11.03
C GLU A 552 34.54 -2.28 -11.33
N TRP A 553 34.11 -2.98 -12.38
CA TRP A 553 32.69 -3.00 -12.73
C TRP A 553 31.91 -3.95 -11.84
N GLY A 554 32.54 -5.06 -11.44
CA GLY A 554 31.82 -6.04 -10.64
C GLY A 554 31.49 -5.58 -9.25
N THR A 555 31.99 -4.41 -8.85
CA THR A 555 31.89 -3.92 -7.48
C THR A 555 31.56 -2.43 -7.53
N GLY A 556 31.69 -1.78 -6.38
CA GLY A 556 31.64 -0.33 -6.29
C GLY A 556 30.31 0.26 -6.73
N ARG A 557 30.39 1.52 -7.18
CA ARG A 557 29.21 2.33 -7.48
C ARG A 557 28.36 1.74 -8.60
N ASP A 558 28.96 0.97 -9.49
CA ASP A 558 28.26 0.37 -10.62
C ASP A 558 28.46 -1.14 -10.57
N THR A 559 27.93 -1.77 -9.54
CA THR A 559 28.10 -3.20 -9.35
C THR A 559 27.36 -3.98 -10.42
N LEU A 560 28.05 -4.28 -11.52
CA LEU A 560 27.46 -4.93 -12.68
C LEU A 560 27.80 -6.41 -12.70
N ARG A 561 27.00 -7.18 -13.44
CA ARG A 561 27.36 -8.54 -13.80
C ARG A 561 28.04 -8.52 -15.15
N CYS A 562 29.22 -9.10 -15.22
CA CYS A 562 30.00 -9.09 -16.45
C CYS A 562 29.98 -10.48 -17.09
N LEU A 563 29.98 -10.49 -18.42
CA LEU A 563 30.19 -11.68 -19.21
C LEU A 563 31.40 -11.45 -20.09
N ALA A 564 32.30 -12.41 -20.13
CA ALA A 564 33.42 -12.35 -21.03
C ALA A 564 32.98 -12.93 -22.37
N LEU A 565 33.40 -12.29 -23.45
CA LEU A 565 33.04 -12.69 -24.80
C LEU A 565 34.31 -13.06 -25.55
N ALA A 566 34.34 -14.28 -26.08
CA ALA A 566 35.53 -14.79 -26.71
C ALA A 566 35.13 -15.67 -27.89
N THR A 567 36.06 -15.87 -28.80
CA THR A 567 35.85 -16.76 -29.93
C THR A 567 37.01 -17.76 -29.97
N ARG A 568 36.72 -18.95 -30.50
CA ARG A 568 37.75 -19.94 -30.82
C ARG A 568 37.98 -19.90 -32.32
N ASP A 569 39.13 -19.37 -32.74
CA ASP A 569 39.37 -19.13 -34.16
C ASP A 569 39.55 -20.43 -34.94
N THR A 570 40.15 -21.46 -34.35
CA THR A 570 40.35 -22.77 -34.98
C THR A 570 39.63 -23.82 -34.14
N PRO A 571 38.32 -23.99 -34.35
CA PRO A 571 37.56 -24.96 -33.55
C PRO A 571 37.78 -26.36 -34.06
N PRO A 572 37.76 -27.37 -33.17
CA PRO A 572 37.99 -28.74 -33.61
C PRO A 572 37.03 -29.14 -34.71
N LYS A 573 37.41 -30.20 -35.45
CA LYS A 573 36.50 -30.74 -36.44
C LYS A 573 35.21 -31.21 -35.79
N ARG A 574 34.09 -30.93 -36.43
CA ARG A 574 32.81 -31.26 -35.83
C ARG A 574 32.64 -32.76 -35.61
N GLU A 575 33.28 -33.59 -36.44
CA GLU A 575 33.14 -35.03 -36.35
C GLU A 575 34.08 -35.65 -35.32
N GLU A 576 34.82 -34.86 -34.57
CA GLU A 576 35.63 -35.33 -33.46
C GLU A 576 35.22 -34.61 -32.18
N MET A 577 33.91 -34.35 -32.05
CA MET A 577 33.35 -33.67 -30.88
C MET A 577 32.18 -34.49 -30.38
N VAL A 578 32.24 -34.91 -29.12
CA VAL A 578 31.15 -35.62 -28.47
C VAL A 578 30.19 -34.57 -27.90
N LEU A 579 28.98 -34.51 -28.45
CA LEU A 579 28.02 -33.49 -28.03
C LEU A 579 27.06 -33.97 -26.94
N ASP A 580 27.26 -35.17 -26.39
CA ASP A 580 26.38 -35.67 -25.35
C ASP A 580 26.95 -35.40 -23.95
N ASP A 581 28.18 -35.85 -23.71
CA ASP A 581 28.86 -35.61 -22.45
C ASP A 581 29.21 -34.13 -22.36
N SER A 582 28.49 -33.39 -21.50
CA SER A 582 28.80 -31.98 -21.33
C SER A 582 30.10 -31.77 -20.57
N SER A 583 30.58 -32.81 -19.87
CA SER A 583 31.89 -32.72 -19.23
C SER A 583 33.00 -32.49 -20.24
N ARG A 584 32.78 -32.84 -21.49
CA ARG A 584 33.79 -32.65 -22.53
C ARG A 584 33.75 -31.26 -23.13
N PHE A 585 32.73 -30.46 -22.84
CA PHE A 585 32.54 -29.21 -23.57
C PHE A 585 33.56 -28.15 -23.19
N MET A 586 34.21 -28.27 -22.04
CA MET A 586 35.16 -27.22 -21.66
C MET A 586 36.44 -27.31 -22.48
N GLU A 587 36.95 -28.52 -22.71
CA GLU A 587 38.16 -28.65 -23.52
C GLU A 587 37.91 -28.18 -24.95
N TYR A 588 36.66 -28.28 -25.42
CA TYR A 588 36.32 -27.70 -26.73
C TYR A 588 36.39 -26.19 -26.68
N GLU A 589 36.02 -25.59 -25.57
CA GLU A 589 36.08 -24.14 -25.42
C GLU A 589 37.44 -23.70 -24.88
N THR A 590 38.51 -24.15 -25.55
CA THR A 590 39.89 -23.92 -25.14
C THR A 590 40.66 -23.26 -26.28
N ASP A 591 41.77 -22.62 -25.92
CA ASP A 591 42.65 -21.96 -26.91
C ASP A 591 41.89 -20.85 -27.63
N LEU A 592 41.32 -19.96 -26.83
CA LEU A 592 40.36 -18.97 -27.30
C LEU A 592 41.01 -17.62 -27.51
N THR A 593 40.31 -16.78 -28.25
CA THR A 593 40.68 -15.38 -28.46
C THR A 593 39.68 -14.52 -27.69
N PHE A 594 40.15 -13.88 -26.62
CA PHE A 594 39.31 -12.95 -25.87
C PHE A 594 38.93 -11.77 -26.75
N VAL A 595 37.65 -11.38 -26.70
CA VAL A 595 37.12 -10.25 -27.46
C VAL A 595 36.80 -9.07 -26.55
N GLY A 596 35.89 -9.26 -25.62
CA GLY A 596 35.45 -8.16 -24.79
C GLY A 596 34.63 -8.64 -23.61
N VAL A 597 34.01 -7.67 -22.94
CA VAL A 597 33.24 -7.90 -21.72
C VAL A 597 32.05 -6.96 -21.72
N VAL A 598 30.88 -7.47 -21.31
CA VAL A 598 29.66 -6.67 -21.19
C VAL A 598 29.24 -6.64 -19.72
N GLY A 599 28.82 -5.46 -19.25
CA GLY A 599 28.44 -5.30 -17.87
C GLY A 599 26.95 -5.02 -17.74
N MET A 600 26.26 -5.84 -16.96
CA MET A 600 24.80 -5.87 -16.96
C MET A 600 24.23 -5.28 -15.69
N LEU A 601 22.96 -4.92 -15.76
CA LEU A 601 22.30 -4.25 -14.64
C LEU A 601 20.82 -4.09 -14.90
N ASP A 602 20.01 -4.30 -13.86
CA ASP A 602 18.60 -3.94 -13.82
C ASP A 602 18.47 -2.52 -13.33
N PRO A 603 18.33 -1.55 -14.24
CA PRO A 603 18.55 -0.15 -13.88
C PRO A 603 17.38 0.43 -13.09
N PRO A 604 17.60 1.55 -12.40
CA PRO A 604 16.49 2.24 -11.75
C PRO A 604 15.60 2.95 -12.75
N ARG A 605 14.35 3.11 -12.37
CA ARG A 605 13.46 4.01 -13.10
C ARG A 605 13.97 5.43 -12.97
N LYS A 606 13.70 6.26 -13.98
CA LYS A 606 14.27 7.60 -13.98
C LYS A 606 13.58 8.51 -12.97
N GLU A 607 12.29 8.29 -12.74
CA GLU A 607 11.53 9.14 -11.82
C GLU A 607 11.91 8.91 -10.36
N VAL A 608 12.71 7.89 -10.05
CA VAL A 608 12.86 7.46 -8.66
C VAL A 608 13.69 8.45 -7.87
N MET A 609 14.92 8.73 -8.33
CA MET A 609 15.87 9.45 -7.50
C MET A 609 15.30 10.78 -7.02
N GLY A 610 14.51 11.45 -7.86
CA GLY A 610 13.87 12.69 -7.45
C GLY A 610 12.66 12.46 -6.58
N SER A 611 11.95 11.35 -6.77
CA SER A 611 10.86 11.02 -5.86
C SER A 611 11.39 10.80 -4.47
N ILE A 612 12.49 10.05 -4.36
CA ILE A 612 13.14 9.81 -3.07
C ILE A 612 13.45 11.13 -2.37
N GLN A 613 14.03 12.07 -3.11
CA GLN A 613 14.41 13.34 -2.51
C GLN A 613 13.20 14.13 -2.06
N LEU A 614 12.08 14.03 -2.78
CA LEU A 614 10.87 14.69 -2.32
C LEU A 614 10.37 14.07 -1.03
N CYS A 615 10.47 12.74 -0.91
CA CYS A 615 10.14 12.11 0.36
C CYS A 615 11.07 12.59 1.46
N ARG A 616 12.36 12.68 1.16
CA ARG A 616 13.31 13.28 2.10
C ARG A 616 12.88 14.69 2.49
N ASP A 617 12.47 15.50 1.51
CA ASP A 617 12.07 16.86 1.83
C ASP A 617 10.81 16.89 2.68
N ALA A 618 9.96 15.88 2.54
CA ALA A 618 8.72 15.79 3.30
C ALA A 618 8.89 14.98 4.59
N GLY A 619 10.12 14.75 5.02
CA GLY A 619 10.34 14.04 6.25
C GLY A 619 10.01 12.57 6.19
N ILE A 620 9.99 11.98 5.00
CA ILE A 620 9.59 10.60 4.83
C ILE A 620 10.83 9.78 4.51
N ARG A 621 11.09 8.76 5.32
CA ARG A 621 12.24 7.89 5.12
C ARG A 621 11.88 6.77 4.16
N VAL A 622 12.80 6.46 3.25
CA VAL A 622 12.61 5.39 2.26
C VAL A 622 13.61 4.28 2.57
N ILE A 623 13.09 3.07 2.78
CA ILE A 623 13.88 1.90 3.12
C ILE A 623 13.74 0.88 2.01
N MET A 624 14.84 0.53 1.38
CA MET A 624 14.79 -0.54 0.40
C MET A 624 14.83 -1.88 1.12
N ILE A 625 13.94 -2.78 0.70
CA ILE A 625 13.87 -4.14 1.18
C ILE A 625 13.79 -5.04 -0.04
N THR A 626 14.88 -5.73 -0.35
CA THR A 626 14.93 -6.54 -1.56
C THR A 626 15.30 -7.97 -1.23
N GLY A 627 14.92 -8.89 -2.12
CA GLY A 627 15.40 -10.24 -2.10
C GLY A 627 16.62 -10.47 -2.97
N ASP A 628 17.11 -9.43 -3.63
CA ASP A 628 18.30 -9.49 -4.46
C ASP A 628 19.54 -9.29 -3.59
N ASN A 629 20.70 -9.52 -4.18
CA ASN A 629 21.93 -9.58 -3.42
C ASN A 629 22.25 -8.23 -2.79
N LYS A 630 22.86 -8.28 -1.60
CA LYS A 630 23.21 -7.05 -0.88
C LYS A 630 24.08 -6.15 -1.75
N GLY A 631 25.03 -6.72 -2.48
CA GLY A 631 25.87 -5.92 -3.35
C GLY A 631 25.07 -5.09 -4.33
N THR A 632 24.16 -5.74 -5.06
CA THR A 632 23.34 -5.02 -6.04
C THR A 632 22.44 -3.98 -5.38
N ALA A 633 21.79 -4.34 -4.26
CA ALA A 633 20.89 -3.40 -3.60
C ALA A 633 21.63 -2.15 -3.18
N ILE A 634 22.74 -2.30 -2.44
CA ILE A 634 23.54 -1.16 -2.05
C ILE A 634 23.89 -0.32 -3.26
N ALA A 635 24.23 -0.98 -4.37
CA ALA A 635 24.61 -0.25 -5.58
C ALA A 635 23.43 0.55 -6.13
N ILE A 636 22.23 0.00 -6.03
CA ILE A 636 21.06 0.74 -6.51
C ILE A 636 20.74 1.90 -5.57
N CYS A 637 20.83 1.66 -4.26
CA CYS A 637 20.55 2.72 -3.29
C CYS A 637 21.38 3.98 -3.54
N ARG A 638 22.60 3.82 -4.04
CA ARG A 638 23.45 4.98 -4.22
C ARG A 638 23.05 5.80 -5.44
N ARG A 639 22.53 5.14 -6.49
CA ARG A 639 22.01 5.89 -7.62
C ARG A 639 20.67 6.51 -7.28
N ILE A 640 19.81 5.74 -6.61
CA ILE A 640 18.52 6.22 -6.12
C ILE A 640 18.71 7.38 -5.15
N GLY A 641 19.83 7.42 -4.43
CA GLY A 641 20.06 8.46 -3.45
C GLY A 641 19.69 8.08 -2.04
N ILE A 642 19.19 6.86 -1.83
CA ILE A 642 19.06 6.34 -0.49
C ILE A 642 20.39 6.42 0.26
N PHE A 643 21.48 6.03 -0.40
CA PHE A 643 22.83 6.21 0.10
C PHE A 643 23.58 7.23 -0.74
N GLY A 644 24.56 7.88 -0.12
CA GLY A 644 25.47 8.72 -0.88
C GLY A 644 26.46 7.88 -1.67
N GLU A 645 27.12 8.54 -2.63
CA GLU A 645 28.00 7.81 -3.55
C GLU A 645 29.21 7.25 -2.83
N ASN A 646 29.76 7.99 -1.86
CA ASN A 646 30.90 7.55 -1.07
C ASN A 646 30.54 7.25 0.38
N GLU A 647 29.25 7.24 0.70
CA GLU A 647 28.81 7.12 2.08
C GLU A 647 29.12 5.73 2.62
N GLU A 648 29.63 5.68 3.85
CA GLU A 648 29.95 4.43 4.51
C GLU A 648 28.67 3.76 5.00
N VAL A 649 28.42 2.53 4.55
CA VAL A 649 27.13 1.86 4.74
C VAL A 649 27.23 0.59 5.56
N ALA A 650 28.40 0.28 6.13
CA ALA A 650 28.56 -0.94 6.92
C ALA A 650 27.41 -1.17 7.90
N ASP A 651 27.08 -0.15 8.70
CA ASP A 651 26.12 -0.33 9.77
C ASP A 651 24.68 -0.20 9.31
N ARG A 652 24.44 0.14 8.04
CA ARG A 652 23.09 0.51 7.62
C ARG A 652 22.63 -0.26 6.40
N ALA A 653 23.20 -1.43 6.15
CA ALA A 653 22.65 -2.36 5.17
C ALA A 653 22.90 -3.77 5.68
N TYR A 654 21.88 -4.62 5.55
CA TYR A 654 21.88 -5.94 6.16
C TYR A 654 21.27 -6.96 5.20
N THR A 655 21.76 -8.19 5.26
CA THR A 655 21.01 -9.26 4.65
C THR A 655 20.04 -9.84 5.66
N GLY A 656 19.05 -10.58 5.16
CA GLY A 656 18.11 -11.25 6.04
C GLY A 656 18.81 -12.16 7.03
N ARG A 657 19.74 -12.97 6.53
CA ARG A 657 20.52 -13.83 7.41
C ARG A 657 21.31 -13.01 8.43
N GLU A 658 21.91 -11.90 8.00
CA GLU A 658 22.57 -11.01 8.95
C GLU A 658 21.57 -10.46 9.94
N PHE A 659 20.40 -10.06 9.44
CA PHE A 659 19.36 -9.52 10.31
C PHE A 659 18.89 -10.54 11.33
N ASP A 660 18.68 -11.79 10.90
CA ASP A 660 18.28 -12.84 11.82
C ASP A 660 19.33 -13.12 12.87
N ASP A 661 20.59 -12.77 12.61
CA ASP A 661 21.63 -13.05 13.57
C ASP A 661 21.71 -12.01 14.67
N LEU A 662 21.06 -10.86 14.49
CA LEU A 662 21.08 -9.82 15.50
C LEU A 662 20.23 -10.25 16.70
N PRO A 663 20.59 -9.81 17.90
CA PRO A 663 19.67 -9.94 19.03
C PRO A 663 18.39 -9.17 18.75
N LEU A 664 17.29 -9.64 19.34
CA LEU A 664 15.98 -9.07 19.04
C LEU A 664 15.97 -7.57 19.27
N ALA A 665 16.53 -7.12 20.40
CA ALA A 665 16.72 -5.70 20.63
C ALA A 665 17.40 -5.04 19.44
N GLU A 666 18.55 -5.59 19.02
CA GLU A 666 19.34 -5.00 17.94
C GLU A 666 18.57 -5.00 16.62
N GLN A 667 17.71 -5.98 16.40
CA GLN A 667 16.93 -5.99 15.17
C GLN A 667 15.98 -4.81 15.12
N ARG A 668 15.43 -4.41 16.26
CA ARG A 668 14.47 -3.33 16.26
C ARG A 668 15.13 -2.00 15.92
N GLU A 669 16.35 -1.78 16.39
CA GLU A 669 17.02 -0.51 16.08
C GLU A 669 17.68 -0.56 14.71
N ALA A 670 18.06 -1.75 14.25
CA ALA A 670 18.56 -1.86 12.89
C ALA A 670 17.55 -1.31 11.89
N CYS A 671 16.27 -1.56 12.13
CA CYS A 671 15.25 -0.98 11.26
C CYS A 671 15.26 0.54 11.34
N ARG A 672 15.65 1.10 12.48
CA ARG A 672 15.62 2.55 12.64
C ARG A 672 16.77 3.25 11.94
N ARG A 673 17.89 2.57 11.67
CA ARG A 673 19.04 3.21 11.04
C ARG A 673 19.44 2.63 9.68
N ALA A 674 19.12 1.38 9.40
CA ALA A 674 19.44 0.82 8.10
C ALA A 674 18.35 1.18 7.09
N CYS A 675 18.78 1.59 5.90
CA CYS A 675 17.85 1.87 4.81
C CYS A 675 17.92 0.82 3.72
N CYS A 676 18.65 -0.26 3.93
CA CYS A 676 18.76 -1.31 2.92
C CYS A 676 18.81 -2.69 3.55
N PHE A 677 17.91 -3.54 3.10
CA PHE A 677 17.83 -4.92 3.54
C PHE A 677 17.71 -5.77 2.29
N ALA A 678 18.58 -6.76 2.16
CA ALA A 678 18.70 -7.51 0.92
C ALA A 678 18.70 -9.01 1.22
N ARG A 679 18.56 -9.80 0.15
CA ARG A 679 18.57 -11.26 0.24
C ARG A 679 17.60 -11.74 1.34
N VAL A 680 16.40 -11.16 1.36
CA VAL A 680 15.41 -11.43 2.38
C VAL A 680 14.37 -12.41 1.86
N GLU A 681 13.79 -13.18 2.78
CA GLU A 681 12.59 -13.98 2.55
C GLU A 681 11.36 -13.11 2.77
N PRO A 682 10.19 -13.53 2.27
CA PRO A 682 9.02 -12.61 2.35
C PRO A 682 8.67 -12.22 3.76
N SER A 683 8.80 -13.14 4.72
CA SER A 683 8.53 -12.81 6.12
C SER A 683 9.40 -11.67 6.63
N HIS A 684 10.62 -11.52 6.10
CA HIS A 684 11.49 -10.44 6.54
C HIS A 684 10.86 -9.08 6.32
N LYS A 685 10.38 -8.80 5.11
CA LYS A 685 9.73 -7.52 4.86
C LYS A 685 8.55 -7.33 5.80
N SER A 686 7.76 -8.40 5.98
CA SER A 686 6.69 -8.38 6.96
C SER A 686 7.21 -7.98 8.34
N LYS A 687 8.30 -8.61 8.77
CA LYS A 687 8.85 -8.37 10.10
C LYS A 687 9.48 -6.99 10.24
N ILE A 688 10.08 -6.47 9.17
CA ILE A 688 10.70 -5.14 9.23
C ILE A 688 9.63 -4.07 9.40
N VAL A 689 8.52 -4.20 8.69
CA VAL A 689 7.43 -3.24 8.84
C VAL A 689 6.88 -3.28 10.26
N GLU A 690 6.70 -4.50 10.80
CA GLU A 690 6.23 -4.64 12.18
C GLU A 690 7.14 -3.89 13.13
N TYR A 691 8.46 -3.98 12.90
CA TYR A 691 9.42 -3.28 13.75
C TYR A 691 9.28 -1.76 13.62
N LEU A 692 9.06 -1.28 12.41
CA LEU A 692 8.87 0.16 12.20
C LEU A 692 7.58 0.63 12.84
N GLN A 693 6.57 -0.22 12.87
CA GLN A 693 5.31 0.13 13.53
C GLN A 693 5.41 0.05 15.04
N SER A 694 6.41 -0.68 15.56
CA SER A 694 6.69 -0.65 16.99
C SER A 694 7.28 0.68 17.45
N TYR A 695 7.64 1.57 16.52
CA TYR A 695 8.01 2.94 16.85
C TYR A 695 6.85 3.91 16.62
N ASP A 696 5.61 3.40 16.55
CA ASP A 696 4.42 4.20 16.26
C ASP A 696 4.63 5.05 15.01
N GLU A 697 5.14 4.41 13.96
CA GLU A 697 5.42 5.06 12.70
C GLU A 697 4.47 4.51 11.64
N ILE A 698 3.66 5.40 11.06
CA ILE A 698 2.78 5.06 9.96
C ILE A 698 3.65 4.75 8.75
N THR A 699 3.75 3.47 8.40
CA THR A 699 4.65 3.03 7.34
C THR A 699 3.87 2.49 6.15
N ALA A 700 4.39 2.76 4.97
CA ALA A 700 3.86 2.19 3.75
C ALA A 700 4.85 1.17 3.18
N MET A 701 4.37 0.37 2.24
CA MET A 701 5.18 -0.65 1.58
C MET A 701 4.85 -0.65 0.10
N THR A 702 5.88 -0.53 -0.72
CA THR A 702 5.73 -0.48 -2.18
C THR A 702 6.36 -1.72 -2.78
N GLY A 703 5.61 -2.43 -3.59
CA GLY A 703 6.12 -3.63 -4.21
C GLY A 703 5.35 -4.00 -5.46
N ASP A 704 5.68 -5.16 -5.98
CA ASP A 704 5.08 -5.66 -7.20
C ASP A 704 4.97 -7.17 -7.24
N GLY A 705 5.51 -7.89 -6.26
CA GLY A 705 5.61 -9.33 -6.33
C GLY A 705 4.81 -10.06 -5.26
N VAL A 706 4.64 -11.36 -5.48
CA VAL A 706 4.10 -12.24 -4.45
C VAL A 706 4.86 -12.07 -3.14
N ASN A 707 6.20 -12.11 -3.23
CA ASN A 707 7.04 -11.99 -2.06
C ASN A 707 6.83 -10.67 -1.30
N ASP A 708 6.26 -9.66 -1.96
CA ASP A 708 5.89 -8.42 -1.28
C ASP A 708 4.56 -8.47 -0.53
N ALA A 709 3.74 -9.49 -0.75
CA ALA A 709 2.38 -9.46 -0.22
C ALA A 709 2.31 -9.43 1.31
N PRO A 710 3.07 -10.26 2.04
CA PRO A 710 3.01 -10.18 3.50
C PRO A 710 3.32 -8.80 4.06
N ALA A 711 4.30 -8.10 3.51
CA ALA A 711 4.57 -6.74 3.97
C ALA A 711 3.52 -5.77 3.42
N LEU A 712 3.07 -5.99 2.19
CA LEU A 712 2.02 -5.15 1.63
C LEU A 712 0.79 -5.15 2.53
N LYS A 713 0.54 -6.26 3.22
CA LYS A 713 -0.59 -6.30 4.13
C LYS A 713 -0.25 -5.72 5.49
N LYS A 714 0.92 -6.08 6.05
CA LYS A 714 1.26 -5.63 7.39
C LYS A 714 1.39 -4.12 7.48
N ALA A 715 1.83 -3.47 6.39
CA ALA A 715 1.98 -2.02 6.39
C ALA A 715 0.63 -1.35 6.54
N GLU A 716 0.64 -0.16 7.15
CA GLU A 716 -0.57 0.66 7.18
C GLU A 716 -1.08 0.91 5.77
N ILE A 717 -0.19 0.94 4.79
CA ILE A 717 -0.55 1.17 3.39
C ILE A 717 0.32 0.28 2.51
N GLY A 718 -0.33 -0.63 1.77
CA GLY A 718 0.36 -1.38 0.73
C GLY A 718 0.15 -0.67 -0.58
N ILE A 719 1.25 -0.44 -1.30
CA ILE A 719 1.23 0.24 -2.59
C ILE A 719 1.77 -0.72 -3.65
N ALA A 720 0.93 -1.02 -4.63
CA ALA A 720 1.26 -2.00 -5.66
C ALA A 720 1.60 -1.30 -6.97
N MET A 721 2.65 -1.79 -7.64
CA MET A 721 2.97 -1.34 -8.98
C MET A 721 1.86 -1.73 -9.97
N GLY A 722 1.61 -0.84 -10.93
CA GLY A 722 0.57 -1.12 -11.91
C GLY A 722 0.85 -2.36 -12.72
N SER A 723 2.09 -2.49 -13.20
CA SER A 723 2.53 -3.68 -13.92
C SER A 723 2.81 -4.86 -12.99
N GLY A 724 2.59 -4.72 -11.69
CA GLY A 724 2.87 -5.78 -10.74
C GLY A 724 1.88 -6.92 -10.79
N THR A 725 2.07 -7.85 -9.86
CA THR A 725 1.29 -9.09 -9.82
C THR A 725 -0.11 -8.85 -9.29
N ALA A 726 -1.05 -9.70 -9.71
CA ALA A 726 -2.40 -9.64 -9.17
C ALA A 726 -2.40 -9.80 -7.67
N VAL A 727 -1.51 -10.63 -7.13
CA VAL A 727 -1.51 -10.89 -5.70
C VAL A 727 -1.00 -9.68 -4.93
N ALA A 728 -0.10 -8.89 -5.54
CA ALA A 728 0.40 -7.71 -4.87
C ALA A 728 -0.66 -6.62 -4.85
N LYS A 729 -1.40 -6.45 -5.94
CA LYS A 729 -2.47 -5.47 -5.97
C LYS A 729 -3.60 -5.86 -5.03
N THR A 730 -3.98 -7.13 -5.05
CA THR A 730 -4.97 -7.65 -4.13
C THR A 730 -4.64 -7.36 -2.68
N ALA A 731 -3.35 -7.36 -2.32
CA ALA A 731 -2.92 -7.12 -0.95
C ALA A 731 -2.71 -5.64 -0.63
N SER A 732 -2.89 -4.77 -1.60
CA SER A 732 -2.52 -3.36 -1.45
C SER A 732 -3.75 -2.51 -1.27
N GLU A 733 -3.54 -1.34 -0.64
CA GLU A 733 -4.61 -0.37 -0.51
C GLU A 733 -4.63 0.62 -1.67
N MET A 734 -3.50 0.79 -2.36
CA MET A 734 -3.39 1.71 -3.47
C MET A 734 -2.51 1.09 -4.55
N VAL A 735 -2.83 1.41 -5.80
CA VAL A 735 -2.11 0.90 -6.97
C VAL A 735 -1.57 2.09 -7.77
N LEU A 736 -0.30 2.02 -8.15
CA LEU A 736 0.32 3.05 -9.00
C LEU A 736 0.05 2.71 -10.45
N ALA A 737 -0.99 3.33 -11.00
CA ALA A 737 -1.41 3.03 -12.36
C ALA A 737 -0.28 3.22 -13.36
N ASP A 738 0.54 4.26 -13.18
CA ASP A 738 1.58 4.64 -14.12
C ASP A 738 2.98 4.22 -13.66
N ASP A 739 3.06 3.34 -12.66
CA ASP A 739 4.33 2.82 -12.16
C ASP A 739 5.27 3.93 -11.68
N ASN A 740 4.79 5.16 -11.64
CA ASN A 740 5.60 6.27 -11.16
C ASN A 740 5.69 6.23 -9.65
N PHE A 741 6.89 6.02 -9.13
CA PHE A 741 7.13 6.25 -7.72
C PHE A 741 6.82 7.68 -7.33
N SER A 742 6.91 8.60 -8.28
CA SER A 742 6.55 9.98 -8.01
C SER A 742 5.08 10.11 -7.61
N THR A 743 4.20 9.31 -8.21
CA THR A 743 2.78 9.44 -7.86
C THR A 743 2.51 8.96 -6.45
N ILE A 744 3.48 8.37 -5.76
CA ILE A 744 3.33 8.15 -4.32
C ILE A 744 3.45 9.47 -3.57
N VAL A 745 4.51 10.23 -3.87
CA VAL A 745 4.66 11.58 -3.34
C VAL A 745 3.41 12.40 -3.64
N ALA A 746 2.87 12.27 -4.84
CA ALA A 746 1.66 13.00 -5.19
C ALA A 746 0.50 12.58 -4.32
N ALA A 747 0.38 11.29 -4.04
CA ALA A 747 -0.71 10.81 -3.21
C ALA A 747 -0.52 11.23 -1.76
N VAL A 748 0.71 11.31 -1.29
CA VAL A 748 0.94 11.75 0.08
C VAL A 748 0.53 13.20 0.25
N GLU A 749 0.95 14.07 -0.69
CA GLU A 749 0.55 15.46 -0.61
C GLU A 749 -0.97 15.61 -0.69
N GLU A 750 -1.63 14.75 -1.45
CA GLU A 750 -3.09 14.80 -1.47
C GLU A 750 -3.67 14.40 -0.13
N GLY A 751 -3.36 13.19 0.34
CA GLY A 751 -3.81 12.77 1.65
C GLY A 751 -3.35 13.67 2.78
N ARG A 752 -2.22 14.35 2.59
CA ARG A 752 -1.76 15.27 3.62
C ARG A 752 -2.70 16.46 3.74
N ALA A 753 -3.03 17.08 2.60
CA ALA A 753 -3.93 18.21 2.57
C ALA A 753 -5.37 17.83 2.92
N ILE A 754 -5.72 16.55 2.78
CA ILE A 754 -7.07 16.11 3.14
C ILE A 754 -7.21 15.98 4.65
N TYR A 755 -6.21 15.37 5.30
CA TYR A 755 -6.29 15.18 6.75
C TYR A 755 -6.38 16.50 7.49
N ASN A 756 -5.79 17.56 6.94
CA ASN A 756 -5.86 18.87 7.59
C ASN A 756 -7.28 19.41 7.57
N ASN A 757 -7.95 19.35 6.42
CA ASN A 757 -9.34 19.79 6.34
C ASN A 757 -10.26 18.88 7.13
N MET A 758 -9.92 17.59 7.26
CA MET A 758 -10.72 16.69 8.07
C MET A 758 -10.74 17.12 9.52
N LYS A 759 -9.58 17.51 10.06
CA LYS A 759 -9.53 17.99 11.45
C LYS A 759 -10.49 19.14 11.67
N GLN A 760 -10.62 20.03 10.69
CA GLN A 760 -11.49 21.19 10.82
C GLN A 760 -12.93 20.78 11.07
N PHE A 761 -13.55 20.10 10.10
CA PHE A 761 -14.97 19.82 10.23
C PHE A 761 -15.27 18.81 11.33
N ILE A 762 -14.28 18.03 11.76
CA ILE A 762 -14.45 17.25 12.98
C ILE A 762 -14.51 18.18 14.18
N ARG A 763 -13.53 19.08 14.30
CA ARG A 763 -13.57 20.08 15.36
C ARG A 763 -14.86 20.89 15.30
N TYR A 764 -15.28 21.26 14.09
CA TYR A 764 -16.49 22.06 13.93
C TYR A 764 -17.73 21.27 14.34
N LEU A 765 -17.80 20.00 13.97
CA LEU A 765 -18.93 19.18 14.39
C LEU A 765 -18.92 18.94 15.89
N ILE A 766 -17.75 18.65 16.46
CA ILE A 766 -17.68 18.36 17.89
C ILE A 766 -17.98 19.62 18.70
N SER A 767 -17.38 20.76 18.31
CA SER A 767 -17.65 22.01 19.01
C SER A 767 -19.14 22.31 19.02
N SER A 768 -19.86 21.88 17.98
CA SER A 768 -21.31 21.94 18.00
C SER A 768 -21.87 21.02 19.07
N ASN A 769 -21.48 19.74 19.04
CA ASN A 769 -21.96 18.78 20.03
C ASN A 769 -21.59 19.21 21.44
N VAL A 770 -20.43 19.84 21.59
CA VAL A 770 -20.04 20.38 22.89
C VAL A 770 -21.10 21.35 23.39
N GLY A 771 -21.45 22.33 22.56
CA GLY A 771 -22.48 23.28 22.96
C GLY A 771 -23.85 22.64 23.07
N GLU A 772 -24.17 21.69 22.19
CA GLU A 772 -25.47 21.05 22.23
C GLU A 772 -25.67 20.29 23.52
N VAL A 773 -24.61 19.65 24.03
CA VAL A 773 -24.69 19.01 25.34
C VAL A 773 -24.85 20.06 26.43
N VAL A 774 -24.10 21.16 26.32
CA VAL A 774 -24.27 22.26 27.27
C VAL A 774 -25.71 22.72 27.28
N CYS A 775 -26.35 22.78 26.11
CA CYS A 775 -27.73 23.26 26.02
C CYS A 775 -28.68 22.40 26.85
N ILE A 776 -28.64 21.08 26.63
CA ILE A 776 -29.60 20.20 27.29
C ILE A 776 -29.38 20.18 28.79
N PHE A 777 -28.12 20.10 29.23
CA PHE A 777 -27.84 20.08 30.65
C PHE A 777 -28.33 21.34 31.34
N LEU A 778 -28.19 22.50 30.69
CA LEU A 778 -28.65 23.74 31.29
C LEU A 778 -30.16 23.76 31.44
N THR A 779 -30.88 23.34 30.39
CA THR A 779 -32.33 23.28 30.44
C THR A 779 -32.81 22.40 31.60
N ALA A 780 -32.16 21.27 31.81
CA ALA A 780 -32.56 20.36 32.88
C ALA A 780 -32.29 20.95 34.25
N ALA A 781 -31.16 21.66 34.40
CA ALA A 781 -30.88 22.34 35.66
C ALA A 781 -31.88 23.47 35.92
N LEU A 782 -32.35 24.12 34.86
CA LEU A 782 -33.34 25.19 35.05
C LEU A 782 -34.72 24.65 35.39
N GLY A 783 -35.03 23.43 34.97
CA GLY A 783 -36.40 22.96 34.99
C GLY A 783 -37.20 23.32 33.77
N LEU A 784 -36.55 23.89 32.76
CA LEU A 784 -37.15 24.31 31.49
C LEU A 784 -36.72 23.36 30.38
N PRO A 785 -37.58 22.50 29.86
CA PRO A 785 -37.23 21.73 28.65
C PRO A 785 -37.53 22.46 27.36
N GLU A 786 -38.09 23.67 27.44
CA GLU A 786 -38.39 24.44 26.25
C GLU A 786 -37.11 24.80 25.50
N ALA A 787 -37.25 24.97 24.17
CA ALA A 787 -36.26 25.49 23.23
C ALA A 787 -35.30 24.43 22.72
N LEU A 788 -35.66 23.15 22.87
CA LEU A 788 -34.84 22.09 22.31
C LEU A 788 -35.70 20.83 22.16
N ILE A 789 -35.44 20.10 21.09
CA ILE A 789 -36.13 18.85 20.79
C ILE A 789 -35.09 17.83 20.38
N PRO A 790 -35.24 16.56 20.78
CA PRO A 790 -34.34 15.53 20.27
C PRO A 790 -34.35 15.44 18.74
N VAL A 791 -35.52 15.58 18.10
CA VAL A 791 -35.58 15.43 16.65
C VAL A 791 -34.90 16.59 15.95
N GLN A 792 -34.94 17.79 16.54
CA GLN A 792 -34.34 18.94 15.88
C GLN A 792 -32.83 18.80 15.83
N LEU A 793 -32.23 18.26 16.89
CA LEU A 793 -30.77 18.16 16.94
C LEU A 793 -30.23 17.35 15.78
N LEU A 794 -30.89 16.23 15.45
CA LEU A 794 -30.39 15.37 14.38
C LEU A 794 -30.35 16.09 13.05
N TRP A 795 -31.48 16.69 12.65
CA TRP A 795 -31.55 17.35 11.36
C TRP A 795 -30.43 18.37 11.19
N VAL A 796 -30.19 19.17 12.23
CA VAL A 796 -29.16 20.21 12.15
C VAL A 796 -27.78 19.59 11.98
N ASN A 797 -27.47 18.58 12.81
CA ASN A 797 -26.19 17.91 12.67
C ASN A 797 -26.08 17.19 11.33
N LEU A 798 -27.19 16.61 10.86
CA LEU A 798 -27.15 15.85 9.62
C LEU A 798 -27.05 16.76 8.40
N VAL A 799 -27.70 17.93 8.44
CA VAL A 799 -27.80 18.77 7.24
C VAL A 799 -27.21 20.15 7.50
N THR A 800 -27.74 20.84 8.51
CA THR A 800 -27.33 22.23 8.76
C THR A 800 -25.85 22.31 9.07
N ASP A 801 -25.34 21.40 9.90
CA ASP A 801 -23.91 21.32 10.16
C ASP A 801 -23.17 20.50 9.12
N GLY A 802 -23.85 19.59 8.45
CA GLY A 802 -23.16 18.71 7.50
C GLY A 802 -22.62 19.46 6.30
N LEU A 803 -23.43 20.32 5.71
CA LEU A 803 -23.05 20.98 4.46
C LEU A 803 -21.86 21.92 4.62
N PRO A 804 -21.78 22.75 5.66
CA PRO A 804 -20.54 23.50 5.87
C PRO A 804 -19.38 22.59 6.27
N ALA A 805 -19.65 21.55 7.06
CA ALA A 805 -18.63 20.56 7.36
C ALA A 805 -18.01 20.04 6.08
N THR A 806 -18.85 19.55 5.16
CA THR A 806 -18.34 19.06 3.88
C THR A 806 -17.70 20.18 3.08
N ALA A 807 -18.20 21.41 3.19
CA ALA A 807 -17.58 22.53 2.50
C ALA A 807 -16.19 22.82 3.05
N LEU A 808 -15.97 22.57 4.34
CA LEU A 808 -14.64 22.71 4.90
C LEU A 808 -13.65 21.72 4.32
N GLY A 809 -14.12 20.71 3.58
CA GLY A 809 -13.23 19.78 2.92
C GLY A 809 -12.55 20.33 1.68
N PHE A 810 -13.09 21.42 1.12
CA PHE A 810 -12.53 22.06 -0.06
C PHE A 810 -11.69 23.28 0.28
N ASN A 811 -11.13 23.33 1.49
CA ASN A 811 -10.30 24.46 1.87
C ASN A 811 -9.02 24.46 1.05
N PRO A 812 -8.54 25.63 0.62
CA PRO A 812 -7.24 25.71 -0.04
C PRO A 812 -6.15 25.19 0.87
N PRO A 813 -5.34 24.24 0.41
CA PRO A 813 -4.36 23.60 1.30
C PRO A 813 -3.18 24.52 1.57
N ASP A 814 -2.41 24.14 2.59
CA ASP A 814 -1.24 24.91 2.97
C ASP A 814 -0.21 24.95 1.84
N LEU A 815 0.48 26.09 1.74
CA LEU A 815 1.46 26.29 0.69
C LEU A 815 2.66 25.37 0.89
N ASP A 816 3.46 25.63 1.92
CA ASP A 816 4.58 24.75 2.26
C ASP A 816 4.06 23.57 3.06
N ILE A 817 3.32 22.71 2.37
CA ILE A 817 2.74 21.54 3.02
C ILE A 817 3.65 20.32 2.90
N MET A 818 4.46 20.24 1.86
CA MET A 818 5.44 19.19 1.72
C MET A 818 6.81 19.57 2.29
N ASP A 819 6.88 20.67 3.04
CA ASP A 819 8.09 21.04 3.75
C ASP A 819 8.01 20.74 5.24
N ARG A 820 6.87 20.30 5.73
CA ARG A 820 6.67 19.90 7.12
C ARG A 820 6.96 18.42 7.31
N PRO A 821 7.44 18.03 8.49
CA PRO A 821 7.58 16.61 8.79
C PRO A 821 6.23 15.93 8.86
N PRO A 822 6.18 14.60 8.75
CA PRO A 822 4.91 13.89 8.86
C PRO A 822 4.22 14.19 10.18
N ARG A 823 2.89 14.25 10.12
CA ARG A 823 2.09 14.53 11.30
C ARG A 823 2.37 13.48 12.37
N SER A 824 2.40 13.91 13.62
CA SER A 824 2.52 12.95 14.71
C SER A 824 1.28 12.08 14.75
N PRO A 825 1.42 10.80 15.06
CA PRO A 825 0.24 9.93 15.04
C PRO A 825 -0.67 10.17 16.23
N LYS A 826 -0.08 10.30 17.42
CA LYS A 826 -0.86 10.16 18.64
C LYS A 826 -1.03 11.47 19.39
N GLU A 827 -1.49 12.51 18.71
CA GLU A 827 -1.88 13.73 19.39
C GLU A 827 -3.35 14.02 19.08
N PRO A 828 -4.08 14.61 20.02
CA PRO A 828 -5.51 14.85 19.79
C PRO A 828 -5.75 16.04 18.87
N LEU A 829 -6.95 16.04 18.27
CA LEU A 829 -7.36 17.18 17.46
C LEU A 829 -7.61 18.41 18.31
N ILE A 830 -8.00 18.23 19.57
CA ILE A 830 -8.29 19.32 20.49
C ILE A 830 -7.58 19.00 21.79
N SER A 831 -6.75 19.92 22.27
CA SER A 831 -5.87 19.61 23.40
C SER A 831 -5.68 20.78 24.36
N GLY A 832 -4.93 21.79 23.94
CA GLY A 832 -4.50 22.85 24.83
C GLY A 832 -5.42 24.05 24.86
N TRP A 833 -5.00 25.14 24.19
CA TRP A 833 -5.84 26.33 24.15
C TRP A 833 -7.10 26.09 23.31
N LEU A 834 -7.02 25.23 22.30
CA LEU A 834 -8.20 24.96 21.48
C LEU A 834 -9.28 24.26 22.30
N PHE A 835 -8.87 23.44 23.27
CA PHE A 835 -9.83 22.91 24.23
C PHE A 835 -10.58 24.03 24.93
N PHE A 836 -9.83 24.93 25.58
CA PHE A 836 -10.41 26.14 26.16
C PHE A 836 -11.27 26.88 25.13
N ARG A 837 -10.75 27.01 23.91
CA ARG A 837 -11.45 27.78 22.89
C ARG A 837 -12.81 27.17 22.56
N TYR A 838 -12.87 25.84 22.45
CA TYR A 838 -14.14 25.18 22.21
C TYR A 838 -14.91 24.93 23.50
N MET A 839 -14.22 24.80 24.64
CA MET A 839 -14.93 24.65 25.90
C MET A 839 -15.66 25.94 26.26
N ALA A 840 -15.00 27.08 26.08
CA ALA A 840 -15.68 28.36 26.23
C ALA A 840 -16.76 28.53 25.18
N ILE A 841 -16.39 28.45 23.90
CA ILE A 841 -17.37 28.60 22.83
C ILE A 841 -18.45 27.53 22.94
N GLY A 842 -18.14 26.39 23.55
CA GLY A 842 -19.16 25.37 23.75
C GLY A 842 -20.21 25.81 24.74
N GLY A 843 -19.79 26.19 25.94
CA GLY A 843 -20.74 26.70 26.92
C GLY A 843 -21.35 28.02 26.52
N TYR A 844 -20.63 28.81 25.72
CA TYR A 844 -21.14 30.10 25.28
C TYR A 844 -22.22 29.96 24.23
N VAL A 845 -22.16 28.91 23.41
CA VAL A 845 -23.25 28.60 22.49
C VAL A 845 -24.24 27.63 23.09
N GLY A 846 -23.90 26.98 24.20
CA GLY A 846 -24.88 26.22 24.93
C GLY A 846 -25.84 27.07 25.71
N ALA A 847 -25.37 28.22 26.22
CA ALA A 847 -26.22 29.17 26.93
C ALA A 847 -26.95 30.13 26.00
N ALA A 848 -26.45 30.34 24.78
CA ALA A 848 -27.16 31.17 23.82
C ALA A 848 -28.45 30.51 23.36
N THR A 849 -28.50 29.18 23.36
CA THR A 849 -29.72 28.48 22.97
C THR A 849 -30.68 28.36 24.15
N VAL A 850 -30.16 28.05 25.34
CA VAL A 850 -31.04 27.97 26.51
C VAL A 850 -31.50 29.36 26.93
N GLY A 851 -30.64 30.37 26.77
CA GLY A 851 -31.06 31.73 27.02
C GLY A 851 -32.03 32.26 26.00
N ALA A 852 -32.13 31.62 24.83
CA ALA A 852 -33.11 32.03 23.83
C ALA A 852 -34.53 31.76 24.30
N ALA A 853 -34.73 30.73 25.13
CA ALA A 853 -36.05 30.50 25.71
C ALA A 853 -36.35 31.52 26.80
N ALA A 854 -35.44 31.65 27.78
CA ALA A 854 -35.70 32.50 28.94
C ALA A 854 -36.04 33.93 28.53
N TRP A 855 -35.38 34.44 27.48
CA TRP A 855 -35.69 35.79 27.00
C TRP A 855 -37.12 35.89 26.50
N TRP A 856 -37.57 34.89 25.73
CA TRP A 856 -38.95 34.90 25.26
C TRP A 856 -39.94 34.96 26.41
N PHE A 857 -39.66 34.22 27.48
CA PHE A 857 -40.53 34.27 28.65
C PHE A 857 -40.30 35.55 29.44
N MET A 858 -39.05 36.01 29.53
CA MET A 858 -38.77 37.23 30.27
C MET A 858 -39.43 38.43 29.61
N TYR A 859 -39.18 38.65 28.32
CA TYR A 859 -39.67 39.84 27.65
C TYR A 859 -39.90 39.57 26.17
N ALA A 860 -41.01 40.07 25.65
CA ALA A 860 -41.30 39.96 24.23
C ALA A 860 -42.42 40.91 23.84
N GLU A 861 -42.30 41.50 22.66
CA GLU A 861 -43.35 42.37 22.14
C GLU A 861 -44.64 41.60 21.92
N ASP A 862 -44.56 40.44 21.28
CA ASP A 862 -45.71 39.58 21.05
C ASP A 862 -45.78 38.40 22.01
N GLY A 863 -44.64 37.86 22.42
CA GLY A 863 -44.62 36.78 23.36
C GLY A 863 -44.87 37.26 24.78
CA PRO A 864 -45.57 36.65 27.04
C PRO A 864 -44.60 37.70 27.59
N GLY A 865 -45.14 38.50 28.56
CA GLY A 865 -44.51 39.59 29.27
C GLY A 865 -43.56 39.65 30.46
N VAL A 866 -43.59 38.61 31.29
CA VAL A 866 -42.73 38.55 32.47
C VAL A 866 -43.17 37.23 33.11
N THR A 867 -42.98 36.14 32.40
N TYR A 868 -41.44 35.09 34.47
CA TYR A 868 -40.76 35.12 35.76
C TYR A 868 -40.21 33.75 36.17
N HIS A 869 -39.98 33.58 37.48
CA HIS A 869 -39.29 32.37 37.96
C HIS A 869 -40.16 31.14 37.85
N GLN A 870 -41.46 31.27 38.17
CA GLN A 870 -42.38 30.14 38.09
C GLN A 870 -42.35 29.47 36.72
N LEU A 871 -41.84 30.18 35.71
CA LEU A 871 -41.60 29.56 34.41
C LEU A 871 -40.79 28.28 34.54
N THR A 872 -39.76 28.29 35.39
CA THR A 872 -38.99 27.08 35.66
C THR A 872 -39.89 25.97 36.21
N HIS A 873 -40.87 26.35 37.03
CA HIS A 873 -41.87 25.42 37.55
C HIS A 873 -43.08 25.30 36.63
N PHE A 874 -42.87 25.35 35.32
CA PHE A 874 -43.97 25.29 34.37
C PHE A 874 -44.73 23.98 34.44
N MET A 875 -44.11 22.92 34.96
CA MET A 875 -44.79 21.65 35.15
C MET A 875 -45.95 21.76 36.13
N GLN A 876 -46.06 22.88 36.84
CA GLN A 876 -47.13 23.09 37.79
C GLN A 876 -48.19 24.06 37.28
N CYS A 877 -48.18 24.38 35.99
CA CYS A 877 -49.30 25.11 35.42
C CYS A 877 -50.58 24.27 35.52
N THR A 878 -50.46 22.97 35.30
CA THR A 878 -51.58 22.03 35.39
C THR A 878 -52.28 22.13 36.74
N GLU A 879 -51.58 21.74 37.81
CA GLU A 879 -52.18 21.69 39.14
C GLU A 879 -52.31 23.08 39.74
N ASP A 880 -51.19 23.65 40.21
CA ASP A 880 -51.20 24.95 40.87
C ASP A 880 -51.48 26.07 39.88
N HIS A 881 -52.72 26.14 39.40
CA HIS A 881 -53.14 27.13 38.41
C HIS A 881 -53.32 28.54 38.96
N PRO A 882 -53.81 28.72 40.22
CA PRO A 882 -54.03 30.09 40.72
C PRO A 882 -52.82 31.01 40.61
N HIS A 883 -51.61 30.46 40.53
CA HIS A 883 -50.45 31.31 40.34
C HIS A 883 -50.23 31.64 38.87
N PHE A 884 -50.37 30.64 38.00
CA PHE A 884 -50.18 30.82 36.56
C PHE A 884 -51.39 31.51 35.94
N GLU A 885 -51.73 32.68 36.47
CA GLU A 885 -52.87 33.44 35.99
C GLU A 885 -52.45 34.43 34.92
N GLY A 886 -53.31 34.60 33.91
CA GLY A 886 -53.02 35.47 32.79
C GLY A 886 -52.41 34.78 31.59
N LEU A 887 -52.27 33.46 31.62
CA LEU A 887 -51.64 32.70 30.54
C LEU A 887 -52.24 31.31 30.49
N ASP A 888 -52.40 30.78 29.29
CA ASP A 888 -52.85 29.40 29.10
C ASP A 888 -51.70 28.44 29.43
N CYS A 889 -52.07 27.22 29.85
CA CYS A 889 -51.04 26.26 30.24
C CYS A 889 -50.32 25.64 29.06
N GLU A 890 -50.94 25.65 27.87
CA GLU A 890 -50.31 25.08 26.69
C GLU A 890 -49.14 25.93 26.20
N ILE A 891 -49.11 27.22 26.55
CA ILE A 891 -48.14 28.15 25.98
C ILE A 891 -46.70 27.81 26.36
N PHE A 892 -46.50 27.01 27.41
CA PHE A 892 -45.13 26.70 27.80
C PHE A 892 -44.41 25.85 26.75
N GLU A 893 -45.17 25.07 25.98
CA GLU A 893 -44.62 24.35 24.83
C GLU A 893 -44.92 25.09 23.53
N ALA A 894 -44.72 26.41 23.53
CA ALA A 894 -45.14 27.24 22.41
C ALA A 894 -44.21 27.07 21.22
N PRO A 895 -44.68 27.40 20.02
CA PRO A 895 -43.82 27.30 18.84
C PRO A 895 -42.63 28.25 18.85
N GLU A 896 -42.86 29.51 19.21
CA GLU A 896 -41.83 30.53 19.01
C GLU A 896 -40.53 30.30 19.78
N PRO A 897 -40.53 29.91 21.06
CA PRO A 897 -39.24 29.85 21.78
C PRO A 897 -38.29 28.81 21.22
N MET A 898 -38.79 27.66 20.75
CA MET A 898 -37.90 26.64 20.20
C MET A 898 -37.30 27.07 18.87
N THR A 899 -38.04 27.86 18.09
CA THR A 899 -37.50 28.37 16.83
C THR A 899 -36.31 29.27 17.07
N MET A 900 -36.39 30.15 18.07
CA MET A 900 -35.28 31.05 18.39
C MET A 900 -34.03 30.26 18.71
N ALA A 901 -34.12 29.32 19.65
CA ALA A 901 -32.95 28.52 20.02
C ALA A 901 -32.42 27.74 18.82
N LEU A 902 -33.30 27.30 17.93
CA LEU A 902 -32.83 26.70 16.68
C LEU A 902 -32.24 27.75 15.76
N SER A 903 -32.84 28.95 15.75
CA SER A 903 -32.32 30.01 14.88
C SER A 903 -30.94 30.46 15.36
N VAL A 904 -30.73 30.56 16.67
CA VAL A 904 -29.39 30.90 17.13
C VAL A 904 -28.44 29.72 16.98
N LEU A 905 -28.93 28.49 17.13
CA LEU A 905 -28.06 27.34 16.92
C LEU A 905 -27.58 27.27 15.48
N VAL A 906 -28.49 27.50 14.54
CA VAL A 906 -28.10 27.52 13.13
C VAL A 906 -27.15 28.68 12.85
N THR A 907 -27.53 29.89 13.24
CA THR A 907 -26.71 31.06 12.94
C THR A 907 -25.34 30.96 13.59
N ILE A 908 -25.29 30.54 14.85
CA ILE A 908 -24.00 30.38 15.54
C ILE A 908 -23.14 29.35 14.80
N GLU A 909 -23.72 28.18 14.52
CA GLU A 909 -22.96 27.16 13.81
C GLU A 909 -22.65 27.59 12.39
N MET A 910 -23.48 28.44 11.79
CA MET A 910 -23.08 29.06 10.53
C MET A 910 -21.86 29.95 10.72
N CYS A 911 -21.72 30.55 11.90
CA CYS A 911 -20.56 31.37 12.20
C CYS A 911 -19.38 30.56 12.72
N ASN A 912 -19.62 29.61 13.63
CA ASN A 912 -18.54 28.74 14.07
C ASN A 912 -17.93 28.01 12.88
N ALA A 913 -18.71 27.79 11.82
CA ALA A 913 -18.16 27.24 10.59
C ALA A 913 -17.12 28.18 9.99
N LEU A 914 -17.40 29.48 9.99
CA LEU A 914 -16.40 30.45 9.57
C LEU A 914 -15.27 30.54 10.59
N ASN A 915 -15.61 30.46 11.88
CA ASN A 915 -14.58 30.35 12.91
C ASN A 915 -13.66 29.17 12.64
N SER A 916 -14.19 28.09 12.07
CA SER A 916 -13.40 26.90 11.78
C SER A 916 -12.99 26.82 10.31
N LEU A 917 -13.13 27.92 9.55
CA LEU A 917 -12.46 27.98 8.26
C LEU A 917 -10.96 27.88 8.43
N SER A 918 -10.44 28.50 9.50
CA SER A 918 -9.08 28.29 9.95
C SER A 918 -9.09 28.35 11.47
N GLU A 919 -8.19 27.60 12.10
CA GLU A 919 -7.90 27.79 13.51
C GLU A 919 -6.70 28.72 13.63
N ASN A 920 -6.81 29.70 14.52
CA ASN A 920 -5.75 30.63 14.90
C ASN A 920 -5.37 31.64 13.83
N GLN A 921 -6.25 31.94 12.87
CA GLN A 921 -6.03 33.02 11.92
C GLN A 921 -7.31 33.79 11.70
N SER A 922 -7.19 35.12 11.65
CA SER A 922 -8.34 36.01 11.58
C SER A 922 -9.13 35.80 10.30
N LEU A 923 -10.39 36.24 10.32
CA LEU A 923 -11.19 36.28 9.11
C LEU A 923 -10.89 37.53 8.29
N MET A 924 -10.55 38.64 8.95
CA MET A 924 -10.06 39.81 8.23
C MET A 924 -8.77 39.52 7.47
N ARG A 925 -8.09 38.43 7.82
CA ARG A 925 -6.90 37.98 7.12
C ARG A 925 -7.09 36.67 6.37
N MET A 926 -7.93 35.77 6.87
CA MET A 926 -8.33 34.58 6.11
C MET A 926 -9.72 34.83 5.54
N PRO A 927 -9.83 35.19 4.27
CA PRO A 927 -11.12 35.60 3.72
C PRO A 927 -12.10 34.45 3.71
N PRO A 928 -13.34 34.68 4.16
CA PRO A 928 -14.38 33.64 3.99
C PRO A 928 -14.63 33.28 2.54
N TRP A 929 -14.29 34.16 1.59
CA TRP A 929 -14.50 33.89 0.18
C TRP A 929 -13.33 33.14 -0.46
N VAL A 930 -12.29 32.79 0.31
CA VAL A 930 -11.25 31.93 -0.23
C VAL A 930 -11.76 30.51 -0.42
N ASN A 931 -12.82 30.13 0.27
CA ASN A 931 -13.53 28.88 0.06
C ASN A 931 -14.92 29.26 -0.44
N ILE A 932 -15.05 29.37 -1.77
CA ILE A 932 -16.32 29.73 -2.37
C ILE A 932 -17.38 28.70 -2.02
N TRP A 933 -16.98 27.43 -1.89
CA TRP A 933 -17.93 26.39 -1.52
C TRP A 933 -18.49 26.60 -0.13
N LEU A 934 -17.68 27.15 0.78
CA LEU A 934 -18.12 27.34 2.16
C LEU A 934 -19.28 28.33 2.22
N LEU A 935 -19.14 29.47 1.53
CA LEU A 935 -20.23 30.43 1.48
C LEU A 935 -21.47 29.81 0.86
N GLY A 936 -21.29 28.96 -0.14
CA GLY A 936 -22.43 28.26 -0.72
C GLY A 936 -23.13 27.39 0.31
N SER A 937 -22.36 26.65 1.11
CA SER A 937 -22.96 25.76 2.09
C SER A 937 -23.74 26.53 3.16
N ILE A 938 -23.18 27.64 3.64
CA ILE A 938 -23.85 28.42 4.68
C ILE A 938 -25.21 28.91 4.18
N CYS A 939 -25.28 29.34 2.92
CA CYS A 939 -26.55 29.82 2.38
C CYS A 939 -27.55 28.68 2.22
N LEU A 940 -27.09 27.54 1.71
CA LEU A 940 -28.01 26.42 1.48
C LEU A 940 -28.50 25.81 2.78
N SER A 941 -27.69 25.86 3.84
CA SER A 941 -28.16 25.38 5.14
C SER A 941 -29.26 26.28 5.68
N MET A 942 -29.08 27.61 5.56
CA MET A 942 -30.15 28.51 5.97
C MET A 942 -31.29 28.55 4.96
N SER A 943 -30.99 28.29 3.69
CA SER A 943 -32.05 28.16 2.69
C SER A 943 -32.99 27.03 3.05
N LEU A 944 -32.45 25.90 3.51
CA LEU A 944 -33.28 24.84 4.06
C LEU A 944 -33.92 25.25 5.38
N HIS A 945 -33.31 26.19 6.10
CA HIS A 945 -33.90 26.67 7.34
C HIS A 945 -35.04 27.65 7.09
N PHE A 946 -35.05 28.34 5.95
CA PHE A 946 -36.20 29.17 5.60
C PHE A 946 -37.28 28.39 4.88
N LEU A 947 -36.94 27.26 4.26
CA LEU A 947 -37.93 26.32 3.79
C LEU A 947 -38.36 25.34 4.87
N ILE A 948 -37.69 25.36 6.02
CA ILE A 948 -38.09 24.50 7.14
C ILE A 948 -39.16 25.19 7.97
N LEU A 949 -39.20 26.52 7.93
CA LEU A 949 -40.12 27.32 8.71
C LEU A 949 -41.36 27.76 7.93
N TYR A 950 -41.36 27.58 6.60
CA TYR A 950 -42.37 28.20 5.74
C TYR A 950 -43.06 27.21 4.80
N VAL A 951 -42.94 25.90 5.03
CA VAL A 951 -43.58 24.87 4.21
C VAL A 951 -44.24 23.86 5.15
N ASP A 952 -45.57 23.98 5.31
CA ASP A 952 -46.44 23.48 6.38
C ASP A 952 -46.04 22.20 7.13
N PRO A 953 -45.72 21.09 6.47
CA PRO A 953 -45.39 19.88 7.27
C PRO A 953 -44.18 20.08 8.16
N LEU A 954 -43.09 20.65 7.62
CA LEU A 954 -41.87 20.84 8.40
C LEU A 954 -42.08 21.68 9.65
N PRO A 955 -42.60 22.91 9.57
CA PRO A 955 -42.78 23.67 10.82
C PRO A 955 -43.88 23.11 11.70
N MET A 956 -44.67 22.16 11.22
CA MET A 956 -45.65 21.52 12.11
C MET A 956 -44.95 20.74 13.20
N ILE A 957 -44.06 19.80 12.80
CA ILE A 957 -43.16 19.19 13.76
C ILE A 957 -42.37 20.26 14.49
N PHE A 958 -41.67 21.10 13.73
CA PHE A 958 -40.63 21.95 14.30
C PHE A 958 -41.17 23.18 15.04
N LYS A 959 -42.32 23.71 14.61
CA LYS A 959 -43.13 24.77 15.23
C LYS A 959 -43.17 26.04 14.40
N LEU A 960 -44.05 26.98 14.76
CA LEU A 960 -44.31 28.17 13.97
C LEU A 960 -43.07 29.05 13.85
N LYS A 961 -43.08 29.91 12.83
CA LYS A 961 -42.03 30.89 12.59
C LYS A 961 -42.52 32.27 13.00
N ALA A 962 -41.62 33.08 13.55
CA ALA A 962 -41.93 34.42 14.04
C ALA A 962 -41.25 35.48 13.17
N LEU A 963 -41.94 36.60 13.00
CA LEU A 963 -41.55 37.62 12.03
C LEU A 963 -40.14 38.14 12.31
N ASP A 964 -39.59 38.83 11.30
CA ASP A 964 -38.18 39.24 11.35
C ASP A 964 -37.96 40.43 12.27
N LEU A 965 -38.72 41.50 12.07
CA LEU A 965 -38.46 42.77 12.76
C LEU A 965 -38.29 42.61 14.26
N THR A 966 -38.97 41.64 14.87
CA THR A 966 -39.00 41.50 16.31
C THR A 966 -38.29 40.26 16.84
N GLN A 967 -37.77 39.40 15.96
CA GLN A 967 -37.09 38.18 16.39
C GLN A 967 -35.66 38.07 15.89
N TRP A 968 -35.41 38.40 14.62
CA TRP A 968 -34.05 38.39 14.10
C TRP A 968 -33.17 39.40 14.81
N LEU A 969 -33.76 40.42 15.43
CA LEU A 969 -32.99 41.33 16.27
C LEU A 969 -32.22 40.58 17.35
N MET A 970 -32.84 39.54 17.93
CA MET A 970 -32.28 38.90 19.11
C MET A 970 -31.40 37.70 18.78
N VAL A 971 -31.57 37.07 17.62
CA VAL A 971 -30.69 35.96 17.27
C VAL A 971 -29.25 36.45 17.19
N LEU A 972 -29.06 37.73 16.83
CA LEU A 972 -27.74 38.34 16.77
C LEU A 972 -27.29 38.89 18.11
N LYS A 973 -27.79 38.34 19.21
CA LYS A 973 -27.26 38.70 20.52
C LYS A 973 -25.95 38.01 20.81
N ILE A 974 -25.75 36.81 20.24
CA ILE A 974 -24.56 36.02 20.49
C ILE A 974 -24.06 35.46 19.16
N SER A 975 -24.98 35.23 18.23
CA SER A 975 -24.63 34.62 16.95
C SER A 975 -23.55 35.40 16.21
N LEU A 976 -23.44 36.69 16.47
CA LEU A 976 -22.37 37.46 15.87
C LEU A 976 -21.25 37.72 16.89
N PRO A 977 -21.57 37.96 18.16
CA PRO A 977 -20.50 37.99 19.17
C PRO A 977 -19.69 36.70 19.25
N VAL A 978 -20.27 35.54 18.93
CA VAL A 978 -19.48 34.31 18.94
C VAL A 978 -18.35 34.39 17.93
N ILE A 979 -18.56 35.14 16.85
CA ILE A 979 -17.46 35.42 15.92
C ILE A 979 -16.41 36.29 16.61
N GLY A 980 -16.84 37.44 17.14
CA GLY A 980 -15.93 38.29 17.88
C GLY A 980 -15.23 37.55 19.01
N LEU A 981 -15.99 36.76 19.78
CA LEU A 981 -15.39 35.97 20.86
C LEU A 981 -14.29 35.06 20.34
N ASP A 982 -14.65 34.16 19.42
CA ASP A 982 -13.67 33.28 18.81
C ASP A 982 -12.51 34.09 18.22
N GLU A 983 -12.84 35.19 17.54
CA GLU A 983 -11.82 36.09 17.01
C GLU A 983 -10.87 36.57 18.10
N ILE A 984 -11.44 37.05 19.22
CA ILE A 984 -10.61 37.56 20.31
C ILE A 984 -9.75 36.43 20.90
N LEU A 985 -10.37 35.29 21.19
CA LEU A 985 -9.60 34.14 21.66
C LEU A 985 -8.57 33.73 20.62
N LYS A 986 -8.91 33.86 19.34
CA LYS A 986 -7.98 33.57 18.27
C LYS A 986 -6.83 34.57 18.25
N PHE A 987 -7.15 35.86 18.46
CA PHE A 987 -6.11 36.89 18.55
C PHE A 987 -5.15 36.62 19.70
N ILE A 988 -5.62 35.96 20.76
CA ILE A 988 -4.79 35.70 21.93
C ILE A 988 -3.73 34.65 21.60
N ALA A 989 -4.17 33.45 21.23
CA ALA A 989 -3.22 32.36 21.00
C ALA A 989 -2.25 32.66 19.87
N ARG A 990 -2.53 33.67 19.04
CA ARG A 990 -1.67 34.02 17.92
C ARG A 990 -0.60 35.03 18.30
N ASN A 991 -0.92 35.98 19.18
CA ASN A 991 -0.01 37.04 19.59
C ASN A 991 0.46 36.92 21.03
N TYR A 992 -0.45 36.62 21.95
CA TYR A 992 -0.07 36.49 23.36
C TYR A 992 0.75 35.24 23.62
N LEU A 993 0.73 34.26 22.71
CA LEU A 993 1.51 33.04 22.87
C LEU A 993 3.00 33.35 22.99
N GLU A 994 3.60 33.88 21.92
CA GLU A 994 5.04 34.16 21.92
C GLU A 994 5.39 35.30 22.87
N GLY A 995 4.50 36.27 23.03
CA GLY A 995 4.79 37.43 23.87
C GLY A 995 4.94 37.13 25.35
#